data_4J6F
#
_entry.id   4J6F
#
_cell.length_a   89.115
_cell.length_b   95.666
_cell.length_c   134.472
_cell.angle_alpha   90.000
_cell.angle_beta   90.000
_cell.angle_gamma   90.000
#
_symmetry.space_group_name_H-M   'P 21 21 21'
#
loop_
_entity.id
_entity.type
_entity.pdbx_description
1 polymer 'Putative alcohol dehydrogenase'
2 non-polymer GLYCEROL
3 non-polymer 'CHLORIDE ION'
4 water water
#
_entity_poly.entity_id   1
_entity_poly.type   'polypeptide(L)'
_entity_poly.pdbx_seq_one_letter_code
;(MSE)HHHHHHSSGVDLGTENLYFQS(MSE)(MSE)R(MSE)(MSE)HSVPKT(MSE)TAVLLTGHGGLEKLVYSRDVPV
PAPAAGEVLIKVTACG(MSE)NNTDVWVREGAYGTEDDPSAVSTWRRHGNTLTFPRIQGTDTVGHIVAVGEGVDRARIGE
RV(MSE)VDFSIYNRDDDSLADIDY(MSE)GHGRDGGYAEY(MSE)ALPAENAHVVATDLTDIELATFCCAYLTGER
(MSE)LERARLAAGETVLVTGASGGVGSAIIQLARARGAVPIAVAGPGKEAA(MSE)LDIGAQAVVTRGQGDLAEAVEAA
SGGRPIDVVADLVGGPLFNDLLKILRPEGRYTTAGAIAGPVVQLDLRT(MSE)YLKQLELHGSSQGSRADFRRLVRYIEE
KKIRPLVGGVYPLSEFHRAQTDF(MSE)AKNFVGKLVVVPD
;
_entity_poly.pdbx_strand_id   A,B
#
# COMPACT_ATOMS: atom_id res chain seq x y z
N GLN A 21 43.55 -19.29 22.21
CA GLN A 21 43.74 -20.77 22.22
C GLN A 21 42.74 -21.48 23.15
N SER A 22 43.08 -21.60 24.43
CA SER A 22 42.29 -22.34 25.41
C SER A 22 40.93 -21.75 25.77
N ARG A 25 40.90 -20.12 29.73
CA ARG A 25 41.48 -18.79 29.81
C ARG A 25 40.46 -17.76 29.35
N HIS A 28 37.85 -16.85 31.72
CA HIS A 28 38.33 -16.05 32.86
C HIS A 28 39.14 -14.81 32.49
N SER A 29 39.15 -14.48 31.21
CA SER A 29 39.73 -13.24 30.70
C SER A 29 38.69 -12.13 30.64
N VAL A 30 37.44 -12.42 30.98
CA VAL A 30 36.36 -11.45 30.91
C VAL A 30 36.48 -10.45 32.06
N PRO A 31 36.74 -9.17 31.73
CA PRO A 31 36.96 -8.13 32.75
C PRO A 31 35.66 -7.64 33.38
N LYS A 32 35.74 -6.84 34.45
CA LYS A 32 34.53 -6.33 35.08
C LYS A 32 34.05 -5.00 34.48
N THR A 33 34.95 -4.27 33.84
CA THR A 33 34.56 -3.09 33.06
C THR A 33 35.07 -3.21 31.62
N THR A 35 35.23 -1.13 27.39
CA THR A 35 35.17 0.01 26.51
C THR A 35 33.90 -0.08 25.69
N ALA A 36 33.22 1.06 25.50
CA ALA A 36 32.01 1.12 24.68
C ALA A 36 31.74 2.54 24.25
N VAL A 37 31.08 2.67 23.10
CA VAL A 37 30.62 3.97 22.65
C VAL A 37 29.19 4.11 23.12
N LEU A 38 28.96 5.15 23.94
CA LEU A 38 27.68 5.40 24.58
C LEU A 38 26.91 6.51 23.90
N LEU A 39 25.63 6.25 23.62
CA LEU A 39 24.70 7.28 23.21
C LEU A 39 24.05 7.87 24.47
N THR A 40 24.17 9.17 24.66
CA THR A 40 23.85 9.83 25.94
C THR A 40 22.61 10.72 25.89
N GLY A 41 22.02 10.86 24.71
CA GLY A 41 20.81 11.66 24.52
C GLY A 41 20.75 11.92 23.04
N HIS A 42 19.66 12.53 22.56
CA HIS A 42 19.53 12.89 21.14
C HIS A 42 20.37 14.13 20.77
N GLY A 43 20.77 14.21 19.50
CA GLY A 43 21.62 15.29 19.02
C GLY A 43 22.71 14.82 18.06
N GLY A 44 23.82 15.55 18.06
CA GLY A 44 24.89 15.28 17.10
C GLY A 44 25.96 14.33 17.61
N LEU A 45 27.05 14.22 16.90
CA LEU A 45 28.05 13.23 17.22
C LEU A 45 28.51 13.40 18.66
N GLU A 46 28.51 14.63 19.16
CA GLU A 46 29.02 14.87 20.52
C GLU A 46 28.23 14.12 21.59
N LYS A 47 27.03 13.66 21.24
CA LYS A 47 26.23 12.77 22.09
C LYS A 47 26.77 11.32 22.14
N LEU A 48 27.72 10.99 21.28
CA LEU A 48 28.37 9.67 21.34
C LEU A 48 29.69 9.75 22.09
N VAL A 49 29.72 9.22 23.32
CA VAL A 49 30.93 9.26 24.15
C VAL A 49 31.63 7.91 24.22
N TYR A 50 32.92 7.90 23.85
CA TYR A 50 33.77 6.73 23.98
C TYR A 50 34.15 6.57 25.43
N SER A 51 33.70 5.50 26.08
CA SER A 51 33.98 5.31 27.51
C SER A 51 34.83 4.11 27.81
N ARG A 52 35.64 4.22 28.86
CA ARG A 52 36.64 3.21 29.17
C ARG A 52 36.33 2.32 30.37
N ASP A 53 35.30 2.68 31.15
CA ASP A 53 34.91 1.81 32.26
C ASP A 53 33.40 1.65 32.45
N VAL A 54 32.80 0.95 31.49
CA VAL A 54 31.38 0.65 31.45
C VAL A 54 31.16 -0.76 31.99
N PRO A 55 30.17 -0.96 32.85
CA PRO A 55 30.02 -2.31 33.41
C PRO A 55 29.83 -3.35 32.32
N VAL A 56 30.55 -4.47 32.42
CA VAL A 56 30.36 -5.61 31.53
C VAL A 56 29.08 -6.27 32.00
N PRO A 57 28.13 -6.50 31.08
CA PRO A 57 26.86 -7.09 31.55
C PRO A 57 27.04 -8.54 31.97
N ALA A 58 26.17 -9.00 32.86
CA ALA A 58 26.19 -10.39 33.31
C ALA A 58 25.02 -11.12 32.64
N PRO A 59 25.32 -12.21 31.90
CA PRO A 59 24.24 -12.93 31.23
C PRO A 59 23.18 -13.42 32.24
N ALA A 60 21.95 -12.97 32.02
CA ALA A 60 20.80 -13.39 32.82
C ALA A 60 20.39 -14.79 32.37
N ALA A 61 19.32 -15.30 32.96
CA ALA A 61 18.76 -16.61 32.60
C ALA A 61 18.44 -16.66 31.12
N GLY A 62 18.90 -17.71 30.44
CA GLY A 62 18.67 -17.87 29.00
C GLY A 62 19.51 -17.00 28.07
N GLU A 63 20.43 -16.22 28.62
CA GLU A 63 21.31 -15.35 27.83
C GLU A 63 22.71 -15.92 27.70
N VAL A 64 23.41 -15.55 26.63
CA VAL A 64 24.86 -15.69 26.55
C VAL A 64 25.54 -14.33 26.66
N LEU A 65 26.85 -14.35 26.89
CA LEU A 65 27.69 -13.15 26.79
C LEU A 65 28.74 -13.34 25.72
N ILE A 66 28.77 -12.45 24.74
CA ILE A 66 29.77 -12.59 23.66
C ILE A 66 30.86 -11.53 23.74
N LYS A 67 32.04 -11.89 23.26
CA LYS A 67 33.09 -10.92 23.06
C LYS A 67 32.99 -10.42 21.62
N VAL A 68 32.58 -9.16 21.46
CA VAL A 68 32.31 -8.60 20.13
C VAL A 68 33.57 -8.51 19.30
N THR A 69 33.51 -9.00 18.08
CA THR A 69 34.68 -8.94 17.22
C THR A 69 34.46 -7.99 16.07
N ALA A 70 33.18 -7.78 15.71
CA ALA A 70 32.76 -6.89 14.63
C ALA A 70 31.31 -6.44 14.83
N CYS A 71 30.99 -5.22 14.38
CA CYS A 71 29.60 -4.72 14.38
C CYS A 71 29.34 -3.76 13.23
N GLY A 72 28.34 -4.07 12.41
CA GLY A 72 28.09 -3.30 11.20
C GLY A 72 27.20 -2.11 11.44
N ASN A 74 24.40 0.91 10.51
CA ASN A 74 23.13 1.06 9.79
C ASN A 74 22.52 2.44 9.97
N ASN A 75 21.64 2.82 9.04
CA ASN A 75 20.97 4.10 9.13
C ASN A 75 20.25 4.35 10.47
N THR A 76 19.67 3.29 11.02
CA THR A 76 18.93 3.41 12.25
C THR A 76 19.83 3.91 13.40
N ASP A 77 21.13 3.61 13.35
CA ASP A 77 22.13 4.18 14.30
C ASP A 77 21.98 5.68 14.38
N VAL A 78 22.00 6.29 13.20
CA VAL A 78 22.03 7.73 13.01
C VAL A 78 20.67 8.31 13.36
N TRP A 79 19.62 7.79 12.75
CA TRP A 79 18.29 8.32 13.01
C TRP A 79 17.85 8.21 14.46
N VAL A 80 18.19 7.12 15.15
CA VAL A 80 17.87 7.03 16.57
C VAL A 80 18.60 8.13 17.33
N ARG A 81 19.86 8.37 17.02
CA ARG A 81 20.66 9.37 17.72
C ARG A 81 20.07 10.75 17.47
N GLU A 82 19.75 11.06 16.21
CA GLU A 82 19.13 12.35 15.87
C GLU A 82 17.70 12.50 16.38
N GLY A 83 17.01 11.38 16.63
CA GLY A 83 15.59 11.39 16.98
C GLY A 83 14.77 11.75 15.75
N ALA A 84 15.24 11.29 14.60
CA ALA A 84 14.69 11.76 13.35
C ALA A 84 13.51 10.96 12.81
N TYR A 85 12.75 10.28 13.67
CA TYR A 85 11.63 9.48 13.17
C TYR A 85 10.31 10.24 13.17
N GLY A 86 10.31 11.36 13.88
CA GLY A 86 9.10 12.18 14.01
C GLY A 86 7.97 11.44 14.69
N THR A 87 6.84 12.12 14.83
CA THR A 87 5.64 11.54 15.42
C THR A 87 4.49 11.64 14.44
N GLU A 88 3.45 10.85 14.68
CA GLU A 88 2.24 10.86 13.86
C GLU A 88 1.60 12.24 13.76
N ASP A 89 1.61 13.01 14.86
CA ASP A 89 1.03 14.35 14.87
C ASP A 89 1.97 15.39 14.28
N ASP A 90 3.27 15.24 14.55
CA ASP A 90 4.28 16.18 14.08
C ASP A 90 5.46 15.44 13.44
N PRO A 91 5.58 15.52 12.11
CA PRO A 91 6.58 14.74 11.38
C PRO A 91 8.00 15.30 11.55
N SER A 92 8.12 16.45 12.21
CA SER A 92 9.42 17.07 12.37
C SER A 92 9.85 17.09 13.82
N ALA A 93 9.00 16.55 14.71
CA ALA A 93 9.34 16.40 16.13
C ALA A 93 10.45 15.37 16.33
N VAL A 94 11.20 15.49 17.42
CA VAL A 94 12.23 14.47 17.72
C VAL A 94 11.63 13.25 18.44
N SER A 95 11.95 12.06 17.94
CA SER A 95 11.36 10.81 18.44
C SER A 95 12.23 9.64 17.98
N THR A 96 12.32 8.57 18.76
CA THR A 96 12.85 7.31 18.27
C THR A 96 11.80 6.65 17.41
N TRP A 97 12.19 5.60 16.69
CA TRP A 97 11.27 4.95 15.79
C TRP A 97 10.17 4.28 16.58
N ARG A 98 10.47 3.90 17.81
CA ARG A 98 9.48 3.21 18.61
C ARG A 98 8.54 4.22 19.22
N ARG A 99 7.69 4.81 18.37
CA ARG A 99 6.83 5.92 18.77
C ARG A 99 5.89 5.60 19.94
N HIS A 100 5.47 4.35 20.10
CA HIS A 100 4.43 4.04 21.08
C HIS A 100 4.85 3.15 22.25
N GLY A 101 6.14 2.85 22.34
CA GLY A 101 6.69 2.13 23.48
C GLY A 101 8.14 2.48 23.56
N ASN A 102 8.44 3.64 24.16
CA ASN A 102 9.81 4.11 24.20
C ASN A 102 10.69 3.31 25.18
N THR A 103 11.41 2.34 24.63
CA THR A 103 12.32 1.47 25.37
C THR A 103 13.78 1.94 25.28
N LEU A 104 13.99 3.04 24.55
CA LEU A 104 15.28 3.69 24.55
C LEU A 104 15.56 4.41 25.89
N THR A 105 16.63 4.00 26.56
CA THR A 105 17.08 4.70 27.77
C THR A 105 18.58 5.09 27.67
N PHE A 106 18.94 6.23 28.21
CA PHE A 106 20.32 6.71 28.10
C PHE A 106 21.12 6.47 29.36
N PRO A 107 22.39 6.06 29.23
CA PRO A 107 23.14 5.82 27.99
C PRO A 107 22.78 4.51 27.31
N ARG A 108 22.95 4.44 26.00
CA ARG A 108 22.66 3.22 25.24
C ARG A 108 23.83 2.88 24.34
N ILE A 109 24.25 1.63 24.37
CA ILE A 109 25.19 1.16 23.39
C ILE A 109 24.39 0.75 22.15
N GLN A 110 24.64 1.42 21.03
CA GLN A 110 23.99 1.06 19.77
C GLN A 110 24.74 -0.10 19.05
N GLY A 111 24.34 -0.40 17.81
CA GLY A 111 25.02 -1.43 17.03
C GLY A 111 24.13 -2.64 16.90
N THR A 112 23.70 -2.92 15.67
CA THR A 112 22.78 -4.00 15.38
C THR A 112 23.41 -5.26 14.82
N ASP A 113 24.37 -5.09 13.93
CA ASP A 113 24.97 -6.21 13.20
C ASP A 113 26.19 -6.80 13.89
N THR A 114 25.96 -7.43 15.03
CA THR A 114 27.04 -7.87 15.91
C THR A 114 27.48 -9.31 15.60
N VAL A 115 28.79 -9.50 15.49
CA VAL A 115 29.37 -10.83 15.47
C VAL A 115 30.33 -10.94 16.67
N GLY A 116 30.37 -12.11 17.31
CA GLY A 116 31.33 -12.35 18.39
C GLY A 116 31.48 -13.80 18.83
N HIS A 117 32.18 -13.98 19.95
CA HIS A 117 32.46 -15.30 20.53
C HIS A 117 31.84 -15.42 21.93
N ILE A 118 31.03 -16.45 22.14
CA ILE A 118 30.38 -16.65 23.42
C ILE A 118 31.46 -16.96 24.45
N VAL A 119 31.54 -16.16 25.50
CA VAL A 119 32.57 -16.35 26.53
C VAL A 119 31.98 -16.73 27.89
N ALA A 120 30.71 -16.45 28.10
CA ALA A 120 30.03 -16.74 29.37
C ALA A 120 28.60 -17.12 29.05
N VAL A 121 27.99 -17.92 29.92
CA VAL A 121 26.58 -18.24 29.75
C VAL A 121 25.77 -18.10 31.03
N GLY A 122 24.49 -17.76 30.91
CA GLY A 122 23.60 -17.62 32.05
C GLY A 122 22.82 -18.89 32.36
N GLU A 123 21.88 -18.77 33.29
CA GLU A 123 21.33 -19.90 34.03
C GLU A 123 20.93 -21.14 33.25
N GLY A 124 19.98 -21.04 32.34
CA GLY A 124 19.43 -22.25 31.75
C GLY A 124 20.24 -22.80 30.59
N VAL A 125 21.39 -22.22 30.34
CA VAL A 125 22.06 -22.38 29.04
C VAL A 125 23.18 -23.42 29.07
N ASP A 126 23.30 -24.16 27.96
CA ASP A 126 24.33 -25.18 27.79
C ASP A 126 25.75 -24.58 27.80
N ARG A 127 26.58 -25.02 28.74
CA ARG A 127 27.92 -24.47 28.89
C ARG A 127 28.87 -24.90 27.77
N ALA A 128 28.39 -25.84 26.94
CA ALA A 128 29.12 -26.33 25.77
C ALA A 128 29.18 -25.31 24.65
N ARG A 129 28.29 -24.32 24.72
CA ARG A 129 28.19 -23.24 23.75
C ARG A 129 29.39 -22.28 23.80
N ILE A 130 30.07 -22.22 24.94
CA ILE A 130 31.21 -21.34 25.08
C ILE A 130 32.20 -21.60 23.96
N GLY A 131 32.74 -20.53 23.39
CA GLY A 131 33.76 -20.64 22.34
C GLY A 131 33.22 -20.54 20.93
N GLU A 132 31.89 -20.57 20.78
CA GLU A 132 31.25 -20.51 19.48
C GLU A 132 31.33 -19.13 18.87
N ARG A 133 31.46 -19.08 17.54
CA ARG A 133 31.43 -17.85 16.78
C ARG A 133 29.99 -17.62 16.34
N VAL A 134 29.38 -16.55 16.84
CA VAL A 134 27.98 -16.28 16.56
C VAL A 134 27.71 -14.96 15.83
N VAL A 136 24.75 -12.39 15.72
CA VAL A 136 23.58 -11.99 16.50
C VAL A 136 22.39 -11.64 15.61
N ASP A 137 21.23 -12.20 15.92
CA ASP A 137 19.98 -11.71 15.35
C ASP A 137 19.54 -10.54 16.23
N PHE A 138 19.57 -9.33 15.69
CA PHE A 138 19.31 -8.14 16.48
C PHE A 138 17.85 -8.01 16.96
N SER A 139 16.94 -8.85 16.44
CA SER A 139 15.50 -8.69 16.68
C SER A 139 15.06 -8.99 18.10
N ILE A 140 14.23 -8.11 18.66
CA ILE A 140 13.45 -8.44 19.86
C ILE A 140 12.02 -8.58 19.34
N TYR A 141 11.48 -9.78 19.31
CA TYR A 141 10.20 -9.98 18.67
C TYR A 141 9.06 -9.57 19.56
N ASN A 142 9.13 -9.97 20.81
CA ASN A 142 8.14 -9.58 21.79
C ASN A 142 6.83 -10.30 21.58
N ARG A 143 6.82 -11.27 20.68
CA ARG A 143 5.65 -12.13 20.49
C ARG A 143 6.10 -13.55 20.23
N ASP A 144 5.20 -14.51 20.41
CA ASP A 144 5.50 -15.88 20.07
C ASP A 144 5.09 -16.21 18.63
N ASP A 145 4.05 -15.54 18.13
CA ASP A 145 3.64 -15.73 16.73
C ASP A 145 4.59 -14.98 15.78
N ASP A 146 4.24 -14.95 14.50
CA ASP A 146 5.08 -14.32 13.48
C ASP A 146 4.66 -12.89 13.15
N SER A 147 3.96 -12.26 14.08
CA SER A 147 3.55 -10.86 13.96
C SER A 147 4.75 -9.94 14.20
N LEU A 148 4.79 -8.80 13.51
CA LEU A 148 5.86 -7.83 13.68
C LEU A 148 5.34 -6.56 14.36
N ALA A 149 4.16 -6.68 14.97
CA ALA A 149 3.47 -5.53 15.58
C ALA A 149 4.20 -4.92 16.79
N ASP A 150 4.97 -5.72 17.53
CA ASP A 150 5.57 -5.27 18.80
C ASP A 150 7.09 -5.33 18.80
N ILE A 151 7.69 -5.48 17.62
CA ILE A 151 9.12 -5.65 17.53
C ILE A 151 9.92 -4.50 18.14
N ASP A 152 11.14 -4.84 18.57
CA ASP A 152 12.14 -3.90 19.02
C ASP A 152 13.47 -4.46 18.50
N TYR A 153 14.59 -3.81 18.82
CA TYR A 153 15.90 -4.39 18.47
C TYR A 153 17.03 -4.05 19.41
N GLY A 155 20.40 -2.62 20.46
CA GLY A 155 20.96 -1.36 20.04
C GLY A 155 19.91 -0.25 20.18
N HIS A 156 18.65 -0.63 20.35
CA HIS A 156 17.60 0.32 20.70
C HIS A 156 16.92 0.04 22.04
N GLY A 157 16.29 -1.12 22.17
CA GLY A 157 15.62 -1.47 23.42
C GLY A 157 16.50 -2.03 24.51
N ARG A 158 17.78 -2.22 24.19
CA ARG A 158 18.71 -3.05 24.96
C ARG A 158 20.08 -2.77 24.33
N ASP A 159 21.16 -2.90 25.10
CA ASP A 159 22.49 -2.58 24.58
C ASP A 159 22.96 -3.45 23.43
N GLY A 160 23.62 -2.86 22.43
CA GLY A 160 24.06 -3.55 21.21
C GLY A 160 25.56 -3.76 21.09
N GLY A 161 26.07 -3.76 19.87
CA GLY A 161 27.45 -4.19 19.63
C GLY A 161 28.60 -3.18 19.56
N TYR A 162 28.32 -1.91 19.81
CA TYR A 162 29.41 -0.95 19.86
C TYR A 162 30.04 -0.94 21.25
N ALA A 163 30.56 -2.09 21.63
CA ALA A 163 31.16 -2.36 22.93
C ALA A 163 32.03 -3.61 22.77
N GLU A 164 32.83 -3.94 23.80
CA GLU A 164 33.68 -5.14 23.78
C GLU A 164 32.92 -6.43 24.10
N TYR A 165 31.80 -6.30 24.83
CA TYR A 165 31.00 -7.44 25.23
C TYR A 165 29.51 -7.13 25.11
N ALA A 167 25.46 -8.80 26.02
CA ALA A 167 24.52 -9.80 26.50
C ALA A 167 23.39 -9.95 25.48
N LEU A 168 22.86 -11.16 25.33
CA LEU A 168 21.71 -11.39 24.44
C LEU A 168 21.14 -12.78 24.65
N PRO A 169 19.85 -12.99 24.32
CA PRO A 169 19.26 -14.31 24.51
C PRO A 169 19.96 -15.37 23.67
N ALA A 170 20.15 -16.56 24.24
CA ALA A 170 20.76 -17.69 23.54
C ALA A 170 20.19 -17.92 22.14
N GLU A 171 18.86 -17.98 21.99
CA GLU A 171 18.24 -18.19 20.65
C GLU A 171 18.75 -17.21 19.61
N ASN A 172 19.20 -16.03 20.04
CA ASN A 172 19.62 -15.00 19.11
C ASN A 172 21.10 -15.09 18.66
N ALA A 173 21.85 -15.99 19.27
CA ALA A 173 23.24 -16.20 18.92
C ALA A 173 23.33 -17.37 17.94
N HIS A 174 23.52 -17.08 16.66
CA HIS A 174 23.51 -18.14 15.66
C HIS A 174 24.88 -18.59 15.21
N VAL A 175 25.07 -19.90 15.19
CA VAL A 175 26.27 -20.45 14.64
C VAL A 175 25.99 -20.66 13.16
N VAL A 176 26.74 -19.97 12.31
CA VAL A 176 26.53 -20.05 10.88
C VAL A 176 27.59 -20.94 10.20
N ALA A 177 27.14 -21.88 9.40
CA ALA A 177 28.06 -22.81 8.76
C ALA A 177 28.67 -22.14 7.55
N THR A 178 29.69 -21.35 7.82
CA THR A 178 30.38 -20.56 6.77
C THR A 178 31.82 -20.25 7.11
N ASP A 179 32.62 -20.04 6.08
CA ASP A 179 34.04 -19.80 6.20
C ASP A 179 34.37 -18.30 6.21
N LEU A 180 33.34 -17.47 6.30
CA LEU A 180 33.53 -16.03 6.31
C LEU A 180 34.14 -15.50 7.60
N THR A 181 34.95 -14.46 7.45
CA THR A 181 35.44 -13.61 8.54
C THR A 181 34.33 -13.11 9.45
N ASP A 182 34.65 -12.89 10.72
CA ASP A 182 33.76 -12.19 11.64
C ASP A 182 33.32 -10.86 11.04
N ILE A 183 34.26 -10.08 10.51
CA ILE A 183 33.93 -8.82 9.84
C ILE A 183 32.95 -9.02 8.68
N GLU A 184 33.17 -10.05 7.85
CA GLU A 184 32.34 -10.31 6.68
C GLU A 184 30.93 -10.64 7.11
N LEU A 185 30.83 -11.47 8.15
CA LEU A 185 29.57 -11.89 8.70
C LEU A 185 28.78 -10.74 9.31
N ALA A 186 29.47 -9.69 9.75
CA ALA A 186 28.83 -8.55 10.42
C ALA A 186 28.15 -7.58 9.45
N THR A 187 28.13 -7.91 8.17
CA THR A 187 27.58 -6.99 7.19
C THR A 187 26.09 -7.24 6.99
N PHE A 188 25.58 -8.36 7.51
CA PHE A 188 24.29 -8.88 7.03
C PHE A 188 23.01 -8.49 7.78
N CYS A 189 22.96 -8.62 9.09
CA CYS A 189 21.67 -8.77 9.78
C CYS A 189 20.55 -7.71 9.75
N CYS A 190 20.83 -6.43 10.00
CA CYS A 190 19.80 -5.41 9.87
C CYS A 190 19.36 -5.17 8.44
N ALA A 191 20.28 -4.82 7.54
CA ALA A 191 19.85 -4.49 6.18
C ALA A 191 19.27 -5.66 5.38
N TYR A 192 19.83 -6.87 5.56
CA TYR A 192 19.39 -8.03 4.77
C TYR A 192 18.09 -8.64 5.31
N LEU A 193 17.89 -8.57 6.62
CA LEU A 193 16.60 -8.96 7.16
C LEU A 193 15.54 -7.99 6.62
N THR A 194 15.83 -6.68 6.73
CA THR A 194 14.95 -5.63 6.23
C THR A 194 14.68 -5.78 4.74
N GLY A 195 15.75 -5.91 3.94
CA GLY A 195 15.63 -6.31 2.54
C GLY A 195 14.70 -7.48 2.28
N GLU A 196 14.95 -8.62 2.93
CA GLU A 196 14.09 -9.81 2.73
C GLU A 196 12.61 -9.54 2.97
N ARG A 197 12.28 -8.87 4.08
CA ARG A 197 10.88 -8.63 4.47
C ARG A 197 10.21 -7.84 3.37
N LEU A 199 10.96 -7.67 0.26
CA LEU A 199 10.74 -8.52 -0.92
C LEU A 199 9.62 -9.54 -0.69
N GLU A 200 9.40 -9.91 0.56
CA GLU A 200 8.36 -10.83 0.94
C GLU A 200 6.98 -10.12 0.97
N ARG A 201 6.97 -8.88 1.42
CA ARG A 201 5.75 -8.09 1.53
C ARG A 201 5.22 -7.70 0.16
N ALA A 202 6.15 -7.45 -0.77
CA ALA A 202 5.80 -7.15 -2.14
C ALA A 202 5.57 -8.42 -2.97
N ARG A 203 5.79 -9.59 -2.38
CA ARG A 203 5.61 -10.88 -3.07
C ARG A 203 6.39 -11.00 -4.38
N LEU A 204 7.64 -10.52 -4.39
CA LEU A 204 8.45 -10.54 -5.60
C LEU A 204 8.81 -11.96 -6.03
N ALA A 205 8.46 -12.32 -7.26
CA ALA A 205 8.60 -13.68 -7.78
C ALA A 205 9.76 -13.79 -8.79
N ALA A 206 10.23 -15.03 -8.99
CA ALA A 206 11.21 -15.35 -10.04
C ALA A 206 10.75 -14.77 -11.38
N GLY A 207 11.69 -14.17 -12.12
CA GLY A 207 11.38 -13.56 -13.42
C GLY A 207 10.82 -12.14 -13.40
N GLU A 208 10.36 -11.66 -12.25
CA GLU A 208 9.86 -10.30 -12.14
C GLU A 208 10.99 -9.25 -12.10
N THR A 209 10.65 -8.00 -12.39
CA THR A 209 11.64 -6.92 -12.33
C THR A 209 11.44 -6.02 -11.11
N VAL A 210 12.51 -5.78 -10.36
CA VAL A 210 12.43 -4.84 -9.26
C VAL A 210 13.33 -3.64 -9.51
N LEU A 211 12.75 -2.44 -9.42
CA LEU A 211 13.54 -1.20 -9.47
C LEU A 211 13.92 -0.79 -8.04
N VAL A 212 15.23 -0.64 -7.81
CA VAL A 212 15.75 -0.39 -6.47
C VAL A 212 16.43 0.97 -6.41
N THR A 213 15.85 1.90 -5.65
CA THR A 213 16.44 3.22 -5.47
C THR A 213 17.36 3.19 -4.26
N GLY A 214 18.34 4.09 -4.23
CA GLY A 214 19.38 4.09 -3.18
C GLY A 214 20.18 2.80 -3.22
N ALA A 215 20.45 2.33 -4.42
CA ALA A 215 20.93 0.98 -4.63
C ALA A 215 22.30 0.70 -4.03
N SER A 216 23.13 1.74 -3.85
CA SER A 216 24.48 1.54 -3.31
C SER A 216 24.54 1.55 -1.78
N GLY A 217 23.44 1.97 -1.15
CA GLY A 217 23.26 1.90 0.30
C GLY A 217 23.04 0.49 0.86
N GLY A 218 22.98 0.39 2.18
CA GLY A 218 22.90 -0.89 2.88
C GLY A 218 21.79 -1.76 2.36
N VAL A 219 20.57 -1.32 2.58
CA VAL A 219 19.39 -2.06 2.17
C VAL A 219 19.32 -2.21 0.66
N GLY A 220 19.63 -1.13 -0.07
CA GLY A 220 19.63 -1.13 -1.53
C GLY A 220 20.42 -2.29 -2.07
N SER A 221 21.69 -2.35 -1.69
CA SER A 221 22.59 -3.40 -2.14
C SER A 221 22.05 -4.75 -1.80
N ALA A 222 21.48 -4.88 -0.60
CA ALA A 222 21.03 -6.17 -0.13
C ALA A 222 19.91 -6.62 -1.04
N ILE A 223 18.99 -5.72 -1.31
CA ILE A 223 17.86 -6.05 -2.13
C ILE A 223 18.30 -6.54 -3.50
N ILE A 224 19.33 -5.91 -4.07
CA ILE A 224 19.88 -6.37 -5.34
C ILE A 224 20.34 -7.83 -5.26
N GLN A 225 21.08 -8.16 -4.21
CA GLN A 225 21.50 -9.54 -3.99
C GLN A 225 20.31 -10.46 -3.71
N LEU A 226 19.45 -10.05 -2.78
CA LEU A 226 18.32 -10.90 -2.43
C LEU A 226 17.38 -11.10 -3.63
N ALA A 227 17.22 -10.09 -4.48
CA ALA A 227 16.47 -10.27 -5.71
C ALA A 227 17.03 -11.41 -6.56
N ARG A 228 18.36 -11.43 -6.71
CA ARG A 228 19.00 -12.47 -7.48
C ARG A 228 18.78 -13.84 -6.83
N ALA A 229 18.89 -13.87 -5.50
CA ALA A 229 18.77 -15.10 -4.72
C ALA A 229 17.46 -15.83 -4.93
N ARG A 230 16.41 -15.10 -5.31
CA ARG A 230 15.08 -15.68 -5.44
C ARG A 230 14.65 -15.76 -6.91
N GLY A 231 15.54 -15.37 -7.82
CA GLY A 231 15.30 -15.51 -9.26
C GLY A 231 14.74 -14.28 -9.95
N ALA A 232 14.73 -13.15 -9.23
CA ALA A 232 14.20 -11.90 -9.77
C ALA A 232 15.28 -11.08 -10.47
N VAL A 233 14.84 -10.09 -11.24
CA VAL A 233 15.73 -9.23 -12.00
C VAL A 233 15.76 -7.80 -11.41
N PRO A 234 16.88 -7.42 -10.77
CA PRO A 234 17.02 -6.07 -10.21
C PRO A 234 17.61 -5.09 -11.20
N ILE A 235 17.11 -3.86 -11.15
CA ILE A 235 17.68 -2.74 -11.90
C ILE A 235 17.98 -1.64 -10.91
N ALA A 236 19.26 -1.30 -10.79
CA ALA A 236 19.71 -0.37 -9.77
C ALA A 236 19.54 1.06 -10.24
N VAL A 237 19.11 1.94 -9.34
CA VAL A 237 19.21 3.38 -9.61
C VAL A 237 20.31 3.82 -8.70
N ALA A 238 21.42 4.25 -9.28
CA ALA A 238 22.63 4.53 -8.50
C ALA A 238 23.21 5.90 -8.75
N GLY A 239 23.87 6.44 -7.73
CA GLY A 239 24.66 7.66 -7.87
C GLY A 239 25.73 7.60 -8.95
N PRO A 240 26.17 8.76 -9.46
CA PRO A 240 27.28 8.82 -10.43
C PRO A 240 28.55 8.16 -9.89
N GLY A 241 29.19 7.33 -10.73
CA GLY A 241 30.41 6.59 -10.39
C GLY A 241 30.20 5.28 -9.61
N LYS A 242 28.95 4.90 -9.40
CA LYS A 242 28.65 3.70 -8.61
C LYS A 242 28.08 2.60 -9.50
N GLU A 243 27.95 2.89 -10.80
CA GLU A 243 27.32 1.97 -11.77
C GLU A 243 28.02 0.61 -11.82
N ALA A 244 29.34 0.64 -12.01
CA ALA A 244 30.11 -0.59 -12.16
C ALA A 244 30.04 -1.43 -10.90
N ALA A 245 29.96 -0.77 -9.74
CA ALA A 245 29.80 -1.48 -8.47
C ALA A 245 28.46 -2.21 -8.40
N LEU A 247 26.64 -3.29 -11.01
CA LEU A 247 26.80 -4.45 -11.89
C LEU A 247 27.54 -5.59 -11.18
N ASP A 248 28.53 -5.24 -10.38
CA ASP A 248 29.34 -6.24 -9.69
C ASP A 248 28.56 -7.06 -8.67
N ILE A 249 27.53 -6.47 -8.08
CA ILE A 249 26.76 -7.22 -7.09
C ILE A 249 25.50 -7.86 -7.66
N GLY A 250 25.30 -7.78 -8.98
CA GLY A 250 24.27 -8.54 -9.69
C GLY A 250 23.13 -7.78 -10.35
N ALA A 251 23.22 -6.45 -10.40
CA ALA A 251 22.19 -5.65 -11.06
C ALA A 251 22.16 -5.98 -12.55
N GLN A 252 20.97 -6.03 -13.12
CA GLN A 252 20.81 -6.30 -14.54
C GLN A 252 21.27 -5.12 -15.36
N ALA A 253 20.77 -3.94 -15.03
CA ALA A 253 21.19 -2.72 -15.65
C ALA A 253 21.17 -1.64 -14.58
N VAL A 254 21.93 -0.58 -14.84
CA VAL A 254 22.03 0.53 -13.92
C VAL A 254 21.54 1.81 -14.58
N VAL A 255 20.84 2.62 -13.82
CA VAL A 255 20.37 3.92 -14.22
C VAL A 255 21.04 4.93 -13.27
N THR A 256 21.74 5.90 -13.82
CA THR A 256 22.42 6.93 -13.05
C THR A 256 21.42 8.03 -12.66
N ARG A 257 21.37 8.36 -11.37
CA ARG A 257 20.37 9.29 -10.88
C ARG A 257 20.48 10.66 -11.54
N GLY A 258 21.70 11.16 -11.67
CA GLY A 258 21.98 12.51 -12.20
C GLY A 258 21.11 12.98 -13.35
N GLN A 259 21.45 12.54 -14.56
CA GLN A 259 20.92 13.15 -15.79
C GLN A 259 19.82 12.35 -16.50
N GLY A 260 18.94 13.09 -17.16
CA GLY A 260 17.86 12.52 -17.94
C GLY A 260 16.54 12.50 -17.21
N ASP A 261 15.50 12.09 -17.93
CA ASP A 261 14.23 11.73 -17.31
C ASP A 261 14.39 10.30 -16.82
N LEU A 262 14.04 10.09 -15.55
CA LEU A 262 14.13 8.77 -14.93
C LEU A 262 13.34 7.71 -15.68
N ALA A 263 12.10 8.02 -16.02
CA ALA A 263 11.20 7.05 -16.65
C ALA A 263 11.77 6.54 -17.98
N GLU A 264 12.34 7.44 -18.77
CA GLU A 264 12.98 7.10 -20.05
C GLU A 264 14.20 6.22 -19.82
N ALA A 265 15.05 6.66 -18.89
CA ALA A 265 16.26 5.93 -18.52
C ALA A 265 15.94 4.51 -18.01
N VAL A 266 14.88 4.39 -17.22
CA VAL A 266 14.45 3.08 -16.73
C VAL A 266 14.00 2.22 -17.91
N GLU A 267 13.16 2.79 -18.77
CA GLU A 267 12.69 2.14 -19.99
C GLU A 267 13.84 1.54 -20.82
N ALA A 268 14.86 2.36 -21.07
CA ALA A 268 15.99 1.94 -21.89
C ALA A 268 16.84 0.87 -21.19
N ALA A 269 17.14 1.07 -19.90
CA ALA A 269 17.92 0.10 -19.16
C ALA A 269 17.20 -1.25 -18.99
N SER A 270 15.88 -1.22 -18.83
CA SER A 270 15.07 -2.44 -18.76
C SER A 270 14.95 -3.19 -20.10
N GLY A 271 15.18 -2.47 -21.20
CA GLY A 271 15.03 -3.03 -22.54
C GLY A 271 13.57 -3.21 -22.92
N GLY A 272 12.67 -2.68 -22.11
CA GLY A 272 11.25 -2.74 -22.40
C GLY A 272 10.35 -3.44 -21.40
N ARG A 273 10.90 -4.36 -20.61
CA ARG A 273 10.13 -5.10 -19.60
C ARG A 273 9.50 -4.13 -18.60
N PRO A 274 8.21 -4.34 -18.26
CA PRO A 274 7.61 -3.42 -17.30
C PRO A 274 8.13 -3.69 -15.88
N ILE A 275 8.06 -2.66 -15.04
CA ILE A 275 8.56 -2.75 -13.69
C ILE A 275 7.46 -3.31 -12.79
N ASP A 276 7.73 -4.45 -12.17
CA ASP A 276 6.75 -5.12 -11.33
C ASP A 276 6.74 -4.55 -9.94
N VAL A 277 7.94 -4.24 -9.44
CA VAL A 277 8.12 -3.83 -8.06
C VAL A 277 9.11 -2.69 -7.99
N VAL A 278 8.81 -1.70 -7.15
CA VAL A 278 9.76 -0.68 -6.82
C VAL A 278 10.09 -0.87 -5.34
N ALA A 279 11.39 -0.99 -5.07
CA ALA A 279 11.95 -0.98 -3.72
C ALA A 279 12.59 0.40 -3.55
N ASP A 280 11.98 1.22 -2.71
CA ASP A 280 12.39 2.60 -2.54
C ASP A 280 13.10 2.82 -1.22
N LEU A 281 14.31 3.37 -1.27
CA LEU A 281 15.03 3.68 -0.04
C LEU A 281 15.38 5.13 0.06
N VAL A 282 14.97 5.89 -0.95
CA VAL A 282 15.20 7.32 -1.03
C VAL A 282 13.98 8.18 -0.72
N GLY A 283 12.84 7.87 -1.35
CA GLY A 283 11.64 8.66 -1.21
C GLY A 283 11.85 10.10 -1.68
N GLY A 284 11.29 11.05 -0.93
CA GLY A 284 11.43 12.46 -1.24
C GLY A 284 10.95 12.88 -2.62
N PRO A 285 11.78 13.62 -3.36
CA PRO A 285 11.33 14.15 -4.64
C PRO A 285 11.24 13.06 -5.73
N LEU A 286 11.75 11.87 -5.45
CA LEU A 286 11.68 10.75 -6.39
C LEU A 286 10.33 9.97 -6.35
N PHE A 287 9.58 10.14 -5.27
CA PHE A 287 8.46 9.27 -4.94
C PHE A 287 7.40 9.20 -6.01
N ASN A 288 6.92 10.36 -6.45
CA ASN A 288 5.89 10.43 -7.46
C ASN A 288 6.35 9.79 -8.77
N ASP A 289 7.62 9.96 -9.11
CA ASP A 289 8.12 9.41 -10.36
C ASP A 289 8.11 7.89 -10.34
N LEU A 290 8.44 7.32 -9.19
CA LEU A 290 8.44 5.89 -9.03
C LEU A 290 7.04 5.30 -9.26
N LEU A 291 6.02 5.96 -8.70
CA LEU A 291 4.62 5.59 -8.93
C LEU A 291 4.23 5.70 -10.40
N LYS A 292 4.85 6.63 -11.12
CA LYS A 292 4.61 6.78 -12.55
C LYS A 292 5.19 5.60 -13.34
N ILE A 293 6.41 5.21 -12.98
CA ILE A 293 7.17 4.15 -13.65
C ILE A 293 6.56 2.77 -13.40
N LEU A 294 6.09 2.55 -12.18
CA LEU A 294 5.50 1.30 -11.76
C LEU A 294 4.35 0.90 -12.67
N ARG A 295 4.34 -0.36 -13.12
CA ARG A 295 3.28 -0.87 -14.00
C ARG A 295 1.98 -0.93 -13.23
N PRO A 296 0.83 -0.82 -13.93
CA PRO A 296 -0.46 -0.94 -13.24
C PRO A 296 -0.56 -2.29 -12.53
N GLU A 297 -1.14 -2.31 -11.32
CA GLU A 297 -1.18 -3.49 -10.44
C GLU A 297 0.19 -3.85 -9.85
N GLY A 298 1.15 -2.93 -10.01
CA GLY A 298 2.49 -3.10 -9.47
C GLY A 298 2.52 -2.75 -8.01
N ARG A 299 3.61 -3.15 -7.35
CA ARG A 299 3.78 -3.04 -5.91
C ARG A 299 4.99 -2.21 -5.52
N TYR A 300 4.78 -1.29 -4.58
CA TYR A 300 5.81 -0.40 -4.11
C TYR A 300 6.13 -0.86 -2.70
N THR A 301 7.39 -0.82 -2.32
CA THR A 301 7.75 -1.17 -0.97
C THR A 301 8.90 -0.32 -0.43
N THR A 302 8.86 0.00 0.86
CA THR A 302 9.89 0.85 1.47
C THR A 302 10.12 0.51 2.94
N ALA A 303 11.34 0.73 3.40
CA ALA A 303 11.67 0.67 4.83
C ALA A 303 12.53 1.83 5.30
N GLY A 304 12.68 2.85 4.48
CA GLY A 304 13.46 4.03 4.79
C GLY A 304 13.40 4.97 3.61
N ALA A 305 13.53 6.26 3.87
CA ALA A 305 13.52 7.24 2.81
C ALA A 305 14.54 8.28 3.19
N ILE A 306 15.71 8.23 2.59
CA ILE A 306 16.81 9.05 3.05
C ILE A 306 16.70 10.50 2.62
N ALA A 307 15.65 10.84 1.87
CA ALA A 307 15.61 12.11 1.13
C ALA A 307 14.46 13.16 1.22
N GLY A 308 13.36 13.00 1.96
CA GLY A 308 13.07 11.91 2.86
C GLY A 308 11.58 11.56 2.89
N PRO A 309 11.06 11.41 4.11
CA PRO A 309 9.98 10.48 4.33
C PRO A 309 8.57 11.04 4.20
N VAL A 310 8.42 12.36 4.13
CA VAL A 310 7.10 12.96 3.99
C VAL A 310 6.88 13.30 2.51
N VAL A 311 5.96 12.59 1.85
CA VAL A 311 5.78 12.78 0.41
C VAL A 311 4.36 13.17 0.03
N GLN A 312 4.20 13.76 -1.14
CA GLN A 312 2.88 14.10 -1.64
C GLN A 312 2.38 12.88 -2.41
N LEU A 313 1.26 12.32 -1.98
CA LEU A 313 0.68 11.16 -2.67
C LEU A 313 -0.64 11.52 -3.31
N ASP A 314 -0.72 11.33 -4.63
CA ASP A 314 -1.98 11.56 -5.32
C ASP A 314 -2.72 10.24 -5.31
N LEU A 315 -3.62 10.10 -4.35
CA LEU A 315 -4.42 8.90 -4.21
C LEU A 315 -4.93 8.36 -5.54
N ARG A 316 -5.21 9.26 -6.48
CA ARG A 316 -5.81 8.87 -7.77
C ARG A 316 -4.88 8.02 -8.56
N THR A 317 -3.59 8.39 -8.55
CA THR A 317 -2.53 7.62 -9.19
C THR A 317 -2.50 6.21 -8.60
N TYR A 319 -5.03 4.52 -7.24
CA TYR A 319 -6.19 3.70 -7.47
C TYR A 319 -6.54 3.58 -8.94
N LEU A 320 -6.14 4.56 -9.74
CA LEU A 320 -6.32 4.40 -11.18
C LEU A 320 -5.34 3.39 -11.74
N LYS A 321 -4.23 3.21 -11.04
CA LYS A 321 -3.24 2.24 -11.46
C LYS A 321 -3.34 0.91 -10.72
N GLN A 322 -4.28 0.78 -9.80
CA GLN A 322 -4.45 -0.43 -8.99
C GLN A 322 -3.21 -0.79 -8.17
N LEU A 323 -2.47 0.21 -7.70
CA LEU A 323 -1.17 -0.01 -7.00
C LEU A 323 -1.30 -0.51 -5.56
N GLU A 324 -0.25 -1.17 -5.07
CA GLU A 324 -0.09 -1.43 -3.63
C GLU A 324 1.17 -0.73 -3.16
N LEU A 325 1.05 -0.06 -2.03
CA LEU A 325 2.21 0.50 -1.33
C LEU A 325 2.38 -0.26 -0.04
N HIS A 326 3.61 -0.69 0.24
CA HIS A 326 3.92 -1.43 1.46
C HIS A 326 5.02 -0.77 2.23
N GLY A 327 4.78 -0.59 3.52
CA GLY A 327 5.81 -0.15 4.44
C GLY A 327 6.16 -1.31 5.35
N SER A 328 7.45 -1.43 5.68
CA SER A 328 7.98 -2.61 6.37
C SER A 328 9.23 -2.27 7.20
N SER A 329 9.36 -2.88 8.39
CA SER A 329 10.60 -2.79 9.22
C SER A 329 11.04 -4.15 9.67
N GLN A 330 12.34 -4.40 9.61
CA GLN A 330 12.97 -5.61 10.10
C GLN A 330 12.38 -6.83 9.44
N GLY A 331 12.11 -7.89 10.19
CA GLY A 331 11.57 -9.07 9.54
C GLY A 331 11.19 -10.15 10.53
N SER A 332 10.67 -11.25 10.02
CA SER A 332 10.19 -12.32 10.88
C SER A 332 11.29 -13.36 11.11
N ARG A 333 11.09 -14.21 12.10
CA ARG A 333 11.99 -15.34 12.34
C ARG A 333 12.26 -16.17 11.09
N ALA A 334 11.23 -16.44 10.30
CA ALA A 334 11.38 -17.25 9.09
C ALA A 334 12.27 -16.52 8.11
N ASP A 335 12.06 -15.20 8.02
CA ASP A 335 12.90 -14.36 7.18
C ASP A 335 14.35 -14.48 7.61
N PHE A 336 14.60 -14.43 8.92
CA PHE A 336 15.96 -14.56 9.42
C PHE A 336 16.59 -15.91 9.09
N ARG A 337 15.80 -16.98 9.21
CA ARG A 337 16.31 -18.32 8.92
C ARG A 337 16.76 -18.39 7.46
N ARG A 338 15.92 -17.86 6.58
CA ARG A 338 16.19 -17.84 5.14
C ARG A 338 17.47 -17.06 4.89
N LEU A 339 17.66 -15.99 5.63
CA LEU A 339 18.88 -15.19 5.48
C LEU A 339 20.10 -16.01 5.87
N VAL A 340 20.05 -16.64 7.05
CA VAL A 340 21.12 -17.56 7.45
C VAL A 340 21.37 -18.55 6.32
N ARG A 341 20.31 -19.18 5.83
CA ARG A 341 20.39 -20.15 4.75
C ARG A 341 21.10 -19.57 3.52
N TYR A 342 20.76 -18.34 3.15
CA TYR A 342 21.37 -17.67 1.98
C TYR A 342 22.87 -17.48 2.16
N ILE A 343 23.25 -16.96 3.33
CA ILE A 343 24.64 -16.82 3.69
C ILE A 343 25.39 -18.14 3.55
N GLU A 344 24.79 -19.22 4.09
CA GLU A 344 25.43 -20.55 4.11
C GLU A 344 25.60 -21.14 2.73
N GLU A 345 24.53 -21.12 1.94
CA GLU A 345 24.55 -21.61 0.55
C GLU A 345 25.31 -20.66 -0.39
N LYS A 346 25.84 -19.57 0.17
CA LYS A 346 26.51 -18.51 -0.60
C LYS A 346 25.69 -17.93 -1.77
N LYS A 347 24.38 -17.76 -1.57
CA LYS A 347 23.53 -17.16 -2.59
C LYS A 347 23.65 -15.64 -2.54
N ILE A 348 24.10 -15.12 -1.40
CA ILE A 348 24.52 -13.71 -1.29
C ILE A 348 25.94 -13.65 -0.74
N ARG A 349 26.61 -12.51 -0.90
CA ARG A 349 27.99 -12.36 -0.44
C ARG A 349 28.24 -11.06 0.38
N PRO A 350 29.23 -11.08 1.29
CA PRO A 350 29.42 -9.89 2.12
C PRO A 350 30.02 -8.73 1.34
N LEU A 351 29.57 -7.52 1.64
CA LEU A 351 30.09 -6.34 0.97
C LEU A 351 30.78 -5.44 1.99
N VAL A 352 32.09 -5.60 2.14
CA VAL A 352 32.77 -4.80 3.14
C VAL A 352 33.27 -3.50 2.52
N GLY A 353 32.65 -2.38 2.91
CA GLY A 353 32.99 -1.09 2.37
C GLY A 353 34.13 -0.42 3.12
N GLY A 354 34.38 -0.85 4.36
CA GLY A 354 35.47 -0.32 5.16
C GLY A 354 35.39 -0.74 6.60
N VAL A 355 36.50 -0.66 7.32
CA VAL A 355 36.57 -1.15 8.68
C VAL A 355 37.12 -0.08 9.60
N TYR A 356 36.47 0.13 10.74
CA TYR A 356 36.89 1.19 11.66
C TYR A 356 37.08 0.65 13.08
N PRO A 357 38.12 1.13 13.79
CA PRO A 357 38.24 0.78 15.21
C PRO A 357 37.18 1.47 16.05
N LEU A 358 36.72 0.80 17.10
CA LEU A 358 35.72 1.39 18.00
C LEU A 358 36.17 2.76 18.52
N SER A 359 37.47 2.91 18.76
CA SER A 359 38.01 4.17 19.25
C SER A 359 37.89 5.30 18.24
N GLU A 360 37.54 5.01 17.00
CA GLU A 360 37.39 6.07 16.02
C GLU A 360 35.97 6.14 15.43
N PHE A 361 34.99 5.95 16.32
CA PHE A 361 33.58 5.97 15.95
C PHE A 361 33.10 7.26 15.26
N HIS A 362 33.63 8.41 15.68
CA HIS A 362 33.22 9.68 15.09
C HIS A 362 33.61 9.71 13.61
N ARG A 363 34.82 9.24 13.32
CA ARG A 363 35.29 9.18 11.94
C ARG A 363 34.44 8.17 11.17
N ALA A 364 34.15 7.04 11.80
CA ALA A 364 33.32 5.98 11.20
C ALA A 364 31.94 6.49 10.79
N GLN A 365 31.26 7.20 11.70
CA GLN A 365 29.91 7.62 11.41
C GLN A 365 29.83 8.81 10.44
N THR A 366 30.90 9.63 10.43
CA THR A 366 31.02 10.72 9.47
C THR A 366 31.09 10.08 8.09
N ASP A 367 32.00 9.13 7.94
CA ASP A 367 32.10 8.38 6.70
C ASP A 367 30.81 7.67 6.36
N PHE A 368 30.15 7.12 7.38
CA PHE A 368 28.88 6.44 7.17
C PHE A 368 27.81 7.35 6.58
N ALA A 370 28.30 10.10 4.91
CA ALA A 370 28.65 10.64 3.59
C ALA A 370 28.23 9.70 2.45
N LYS A 371 28.29 8.39 2.71
CA LYS A 371 27.92 7.37 1.72
C LYS A 371 28.77 7.37 0.45
N ASN A 372 30.04 7.80 0.54
CA ASN A 372 30.98 7.64 -0.56
C ASN A 372 31.70 6.33 -0.47
N PHE A 373 30.90 5.25 -0.50
CA PHE A 373 31.37 3.88 -0.38
C PHE A 373 30.23 2.95 -0.80
N VAL A 374 30.56 1.67 -1.01
CA VAL A 374 29.55 0.67 -1.35
C VAL A 374 29.48 -0.46 -0.32
N GLY A 375 28.28 -0.99 -0.12
CA GLY A 375 28.07 -2.03 0.88
C GLY A 375 28.02 -1.44 2.28
N LYS A 376 28.77 -2.04 3.20
CA LYS A 376 28.63 -1.70 4.61
C LYS A 376 29.94 -1.42 5.33
N LEU A 377 29.86 -0.53 6.31
CA LEU A 377 30.99 -0.21 7.18
C LEU A 377 30.86 -1.03 8.46
N VAL A 378 32.00 -1.53 8.92
CA VAL A 378 32.08 -2.42 10.09
C VAL A 378 32.95 -1.82 11.20
N VAL A 379 32.44 -1.83 12.42
CA VAL A 379 33.18 -1.31 13.58
C VAL A 379 33.75 -2.45 14.42
N VAL A 380 35.07 -2.39 14.65
CA VAL A 380 35.80 -3.41 15.42
C VAL A 380 36.33 -2.85 16.75
N PRO A 381 36.14 -3.58 17.87
CA PRO A 381 36.68 -3.08 19.14
C PRO A 381 38.20 -2.97 19.19
N ASP A 382 38.65 -1.83 19.75
CA ASP A 382 40.04 -1.42 20.00
C ASP A 382 40.12 0.11 20.05
N SER B 22 -47.24 -7.94 -35.17
CA SER B 22 -47.07 -8.28 -33.72
C SER B 22 -45.61 -8.60 -33.42
N ARG B 25 -44.32 -6.19 -35.99
CA ARG B 25 -44.52 -4.88 -35.37
C ARG B 25 -43.35 -4.50 -34.45
N HIS B 28 -40.03 -3.22 -35.76
CA HIS B 28 -40.06 -1.86 -36.30
C HIS B 28 -40.58 -0.79 -35.36
N SER B 29 -41.02 -1.19 -34.18
CA SER B 29 -41.60 -0.23 -33.25
C SER B 29 -40.54 0.56 -32.44
N VAL B 30 -39.28 0.12 -32.51
CA VAL B 30 -38.18 0.78 -31.79
C VAL B 30 -37.81 2.08 -32.48
N PRO B 31 -37.89 3.22 -31.76
CA PRO B 31 -37.70 4.52 -32.38
C PRO B 31 -36.31 4.70 -32.96
N LYS B 32 -36.19 5.59 -33.92
CA LYS B 32 -34.92 5.85 -34.57
C LYS B 32 -34.21 7.05 -33.94
N THR B 33 -34.93 7.87 -33.18
CA THR B 33 -34.31 8.87 -32.29
C THR B 33 -34.90 8.81 -30.88
N THR B 35 -34.43 10.73 -26.58
CA THR B 35 -33.87 11.83 -25.81
C THR B 35 -32.76 11.30 -24.86
N ALA B 36 -31.75 12.14 -24.63
CA ALA B 36 -30.60 11.78 -23.80
C ALA B 36 -29.89 13.01 -23.29
N VAL B 37 -29.26 12.88 -22.12
CA VAL B 37 -28.45 13.94 -21.57
C VAL B 37 -27.04 13.77 -22.13
N LEU B 38 -26.56 14.79 -22.84
CA LEU B 38 -25.26 14.73 -23.48
C LEU B 38 -24.21 15.52 -22.73
N LEU B 39 -23.08 14.88 -22.44
CA LEU B 39 -21.91 15.59 -21.97
C LEU B 39 -21.22 16.15 -23.19
N THR B 40 -21.15 17.48 -23.30
CA THR B 40 -20.60 18.11 -24.52
C THR B 40 -19.12 18.53 -24.44
N GLY B 41 -18.53 18.41 -23.26
CA GLY B 41 -17.15 18.83 -23.00
C GLY B 41 -16.96 18.94 -21.51
N HIS B 42 -15.74 19.26 -21.08
CA HIS B 42 -15.46 19.44 -19.66
C HIS B 42 -15.95 20.79 -19.14
N GLY B 43 -16.46 20.83 -17.91
CA GLY B 43 -16.96 22.06 -17.32
C GLY B 43 -18.04 21.84 -16.26
N GLY B 44 -18.84 22.88 -16.05
CA GLY B 44 -19.96 22.80 -15.11
C GLY B 44 -21.21 22.21 -15.75
N LEU B 45 -22.34 22.44 -15.11
CA LEU B 45 -23.60 21.82 -15.53
C LEU B 45 -24.13 22.26 -16.90
N GLU B 46 -23.60 23.34 -17.48
CA GLU B 46 -24.04 23.79 -18.81
C GLU B 46 -23.53 22.87 -19.92
N LYS B 47 -22.63 21.96 -19.55
CA LYS B 47 -22.05 20.99 -20.45
C LYS B 47 -22.96 19.78 -20.62
N LEU B 48 -23.99 19.69 -19.79
CA LEU B 48 -24.98 18.62 -19.89
C LEU B 48 -26.23 19.16 -20.55
N VAL B 49 -26.35 18.90 -21.84
CA VAL B 49 -27.45 19.37 -22.65
C VAL B 49 -28.48 18.24 -22.81
N TYR B 50 -29.69 18.46 -22.30
CA TYR B 50 -30.83 17.58 -22.55
C TYR B 50 -31.31 17.71 -24.02
N SER B 51 -31.21 16.61 -24.78
CA SER B 51 -31.44 16.63 -26.23
C SER B 51 -32.52 15.66 -26.64
N ARG B 52 -33.39 16.09 -27.55
CA ARG B 52 -34.56 15.28 -27.90
C ARG B 52 -34.43 14.47 -29.18
N ASP B 53 -33.36 14.68 -29.94
CA ASP B 53 -33.19 14.06 -31.24
C ASP B 53 -31.90 13.25 -31.45
N VAL B 54 -31.48 12.50 -30.43
CA VAL B 54 -30.26 11.69 -30.46
C VAL B 54 -30.50 10.38 -31.22
N PRO B 55 -29.63 10.09 -32.20
CA PRO B 55 -29.76 8.79 -32.90
C PRO B 55 -29.74 7.61 -31.92
N VAL B 56 -30.69 6.70 -32.09
CA VAL B 56 -30.73 5.45 -31.34
C VAL B 56 -29.74 4.49 -31.98
N PRO B 57 -28.72 4.04 -31.21
CA PRO B 57 -27.73 3.11 -31.78
C PRO B 57 -28.35 1.81 -32.31
N ALA B 58 -27.84 1.33 -33.45
CA ALA B 58 -28.17 -0.02 -33.91
C ALA B 58 -27.22 -1.01 -33.23
N PRO B 59 -27.75 -2.15 -32.76
CA PRO B 59 -26.84 -3.11 -32.12
C PRO B 59 -25.91 -3.82 -33.11
N ALA B 60 -24.61 -3.68 -32.91
CA ALA B 60 -23.58 -4.38 -33.69
C ALA B 60 -23.57 -5.90 -33.42
N ALA B 61 -22.71 -6.63 -34.13
CA ALA B 61 -22.49 -8.05 -33.86
C ALA B 61 -22.21 -8.29 -32.36
N GLY B 62 -22.88 -9.29 -31.79
CA GLY B 62 -22.65 -9.65 -30.38
C GLY B 62 -23.24 -8.68 -29.37
N GLU B 63 -24.13 -7.80 -29.82
CA GLU B 63 -24.71 -6.77 -28.96
C GLU B 63 -26.22 -6.89 -28.79
N VAL B 64 -26.72 -6.26 -27.74
CA VAL B 64 -28.16 -6.07 -27.55
C VAL B 64 -28.44 -4.58 -27.46
N LEU B 65 -29.67 -4.20 -27.80
CA LEU B 65 -30.16 -2.84 -27.56
C LEU B 65 -31.25 -2.90 -26.51
N ILE B 66 -31.07 -2.13 -25.44
CA ILE B 66 -32.02 -2.11 -24.34
C ILE B 66 -32.80 -0.80 -24.27
N LYS B 67 -34.03 -0.88 -23.75
CA LYS B 67 -34.82 0.30 -23.43
C LYS B 67 -34.57 0.60 -21.96
N VAL B 68 -33.84 1.66 -21.68
CA VAL B 68 -33.44 1.99 -20.31
C VAL B 68 -34.67 2.33 -19.47
N THR B 69 -34.79 1.72 -18.30
CA THR B 69 -35.86 2.11 -17.37
C THR B 69 -35.35 2.78 -16.10
N ALA B 70 -34.06 2.60 -15.84
CA ALA B 70 -33.39 3.27 -14.73
C ALA B 70 -31.88 3.31 -14.95
N CYS B 71 -31.22 4.28 -14.33
CA CYS B 71 -29.75 4.33 -14.30
C CYS B 71 -29.25 5.08 -13.06
N GLY B 72 -28.31 4.47 -12.35
CA GLY B 72 -27.80 5.02 -11.08
C GLY B 72 -26.70 6.04 -11.24
N ASN B 74 -23.24 8.00 -10.12
CA ASN B 74 -21.94 7.76 -9.49
C ASN B 74 -21.02 8.97 -9.55
N ASN B 75 -20.07 9.06 -8.61
CA ASN B 75 -19.11 10.16 -8.60
C ASN B 75 -18.36 10.35 -9.91
N THR B 76 -18.08 9.23 -10.58
CA THR B 76 -17.36 9.28 -11.84
C THR B 76 -18.06 10.21 -12.84
N ASP B 77 -19.40 10.17 -12.92
CA ASP B 77 -20.17 11.08 -13.79
C ASP B 77 -19.69 12.52 -13.64
N VAL B 78 -19.67 12.99 -12.38
CA VAL B 78 -19.31 14.35 -12.03
C VAL B 78 -17.84 14.60 -12.32
N TRP B 79 -16.99 13.64 -11.99
CA TRP B 79 -15.57 13.86 -12.14
C TRP B 79 -15.12 13.82 -13.61
N VAL B 80 -15.75 12.97 -14.41
CA VAL B 80 -15.46 12.92 -15.84
C VAL B 80 -15.94 14.22 -16.49
N ARG B 81 -17.12 14.67 -16.09
CA ARG B 81 -17.66 15.95 -16.56
C ARG B 81 -16.67 17.08 -16.27
N GLU B 82 -16.22 17.15 -15.03
CA GLU B 82 -15.30 18.21 -14.60
C GLU B 82 -13.91 17.99 -15.15
N GLY B 83 -13.56 16.74 -15.43
CA GLY B 83 -12.19 16.37 -15.78
C GLY B 83 -11.31 16.58 -14.56
N ALA B 84 -11.79 16.12 -13.40
CA ALA B 84 -11.15 16.39 -12.12
C ALA B 84 -10.32 15.20 -11.65
N TYR B 85 -9.73 14.47 -12.59
CA TYR B 85 -8.86 13.38 -12.23
C TYR B 85 -7.40 13.79 -12.19
N GLY B 86 -7.07 14.88 -12.89
CA GLY B 86 -5.69 15.39 -12.92
C GLY B 86 -4.76 14.44 -13.66
N THR B 87 -3.50 14.83 -13.76
CA THR B 87 -2.50 14.01 -14.45
C THR B 87 -1.38 13.63 -13.51
N GLU B 88 -0.55 12.67 -13.93
CA GLU B 88 0.60 12.25 -13.13
C GLU B 88 1.56 13.42 -12.91
N ASP B 89 1.77 14.25 -13.93
CA ASP B 89 2.73 15.33 -13.83
C ASP B 89 2.17 16.58 -13.20
N ASP B 90 0.85 16.73 -13.27
CA ASP B 90 0.14 17.87 -12.71
C ASP B 90 -1.16 17.40 -12.04
N PRO B 91 -1.18 17.38 -10.69
CA PRO B 91 -2.33 16.87 -9.96
C PRO B 91 -3.60 17.69 -10.15
N SER B 92 -3.50 18.85 -10.81
CA SER B 92 -4.68 19.71 -10.94
C SER B 92 -4.99 20.11 -12.38
N ALA B 93 -4.26 19.52 -13.33
CA ALA B 93 -4.60 19.65 -14.74
C ALA B 93 -5.99 19.05 -15.01
N VAL B 94 -6.68 19.62 -15.99
CA VAL B 94 -7.93 19.05 -16.48
C VAL B 94 -7.69 17.73 -17.23
N SER B 95 -8.32 16.66 -16.76
CA SER B 95 -8.10 15.31 -17.29
C SER B 95 -9.21 14.35 -16.92
N THR B 96 -9.61 13.52 -17.87
CA THR B 96 -10.51 12.39 -17.59
C THR B 96 -9.77 11.30 -16.80
N TRP B 97 -10.48 10.27 -16.32
CA TRP B 97 -9.85 9.24 -15.48
C TRP B 97 -8.85 8.37 -16.23
N ARG B 98 -9.11 8.12 -17.51
CA ARG B 98 -8.19 7.33 -18.29
C ARG B 98 -7.11 8.26 -18.78
N ARG B 99 -6.02 8.31 -18.01
CA ARG B 99 -4.93 9.23 -18.27
C ARG B 99 -4.03 8.77 -19.41
N HIS B 100 -4.10 7.49 -19.78
CA HIS B 100 -3.14 6.94 -20.77
C HIS B 100 -3.81 6.26 -21.95
N GLY B 101 -5.09 6.58 -22.13
CA GLY B 101 -5.86 6.09 -23.26
C GLY B 101 -7.19 6.80 -23.27
N ASN B 102 -7.22 8.01 -23.82
CA ASN B 102 -8.45 8.76 -23.78
C ASN B 102 -9.50 8.28 -24.81
N THR B 103 -10.47 7.52 -24.31
CA THR B 103 -11.55 6.96 -25.12
C THR B 103 -12.85 7.78 -24.95
N LEU B 104 -12.74 8.88 -24.21
CA LEU B 104 -13.85 9.82 -24.07
C LEU B 104 -13.93 10.73 -25.28
N THR B 105 -15.01 10.61 -26.04
CA THR B 105 -15.27 11.52 -27.16
C THR B 105 -16.57 12.28 -26.93
N PHE B 106 -16.59 13.57 -27.29
CA PHE B 106 -17.78 14.37 -27.10
C PHE B 106 -18.58 14.46 -28.40
N PRO B 107 -19.92 14.40 -28.32
CA PRO B 107 -20.72 14.30 -27.10
C PRO B 107 -20.76 12.87 -26.58
N ARG B 108 -20.80 12.74 -25.25
CA ARG B 108 -20.93 11.44 -24.60
C ARG B 108 -22.17 11.36 -23.72
N ILE B 109 -22.88 10.25 -23.82
CA ILE B 109 -23.93 9.90 -22.88
C ILE B 109 -23.28 9.16 -21.73
N GLN B 110 -23.43 9.69 -20.51
CA GLN B 110 -22.88 9.04 -19.32
C GLN B 110 -23.91 8.11 -18.69
N GLY B 111 -23.57 7.56 -17.53
CA GLY B 111 -24.50 6.71 -16.76
C GLY B 111 -24.03 5.28 -16.74
N THR B 112 -23.57 4.85 -15.57
CA THR B 112 -22.98 3.52 -15.44
C THR B 112 -23.99 2.44 -15.01
N ASP B 113 -24.84 2.78 -14.05
CA ASP B 113 -25.67 1.76 -13.39
C ASP B 113 -27.00 1.53 -14.09
N THR B 114 -26.97 0.83 -15.21
CA THR B 114 -28.11 0.81 -16.09
C THR B 114 -28.92 -0.48 -15.99
N VAL B 115 -30.24 -0.30 -15.90
CA VAL B 115 -31.22 -1.38 -16.00
C VAL B 115 -32.17 -1.12 -17.16
N GLY B 116 -32.61 -2.19 -17.82
CA GLY B 116 -33.57 -2.05 -18.90
C GLY B 116 -34.09 -3.34 -19.48
N HIS B 117 -34.75 -3.20 -20.63
CA HIS B 117 -35.40 -4.32 -21.29
C HIS B 117 -34.86 -4.45 -22.70
N ILE B 118 -34.40 -5.64 -23.06
CA ILE B 118 -33.84 -5.86 -24.41
C ILE B 118 -34.97 -5.76 -25.43
N VAL B 119 -34.82 -4.85 -26.37
CA VAL B 119 -35.81 -4.65 -27.40
C VAL B 119 -35.28 -5.13 -28.75
N ALA B 120 -33.96 -5.24 -28.86
CA ALA B 120 -33.34 -5.61 -30.12
C ALA B 120 -32.03 -6.33 -29.86
N VAL B 121 -31.66 -7.19 -30.80
CA VAL B 121 -30.43 -7.95 -30.72
C VAL B 121 -29.68 -7.84 -32.05
N GLY B 122 -28.35 -7.71 -31.96
CA GLY B 122 -27.48 -7.63 -33.13
C GLY B 122 -27.08 -8.99 -33.67
N GLU B 123 -26.06 -9.04 -34.53
CA GLU B 123 -25.84 -10.13 -35.47
C GLU B 123 -25.67 -11.60 -35.00
N GLY B 124 -24.88 -11.90 -33.98
CA GLY B 124 -24.80 -13.30 -33.55
C GLY B 124 -25.58 -13.70 -32.29
N VAL B 125 -26.64 -12.95 -31.98
CA VAL B 125 -27.27 -13.04 -30.66
C VAL B 125 -28.68 -13.60 -30.75
N ASP B 126 -29.06 -14.41 -29.77
CA ASP B 126 -30.38 -15.04 -29.75
C ASP B 126 -31.52 -14.04 -29.74
N ARG B 127 -32.46 -14.20 -30.68
CA ARG B 127 -33.69 -13.43 -30.74
C ARG B 127 -34.51 -13.61 -29.48
N ALA B 128 -34.37 -14.78 -28.85
CA ALA B 128 -35.17 -15.16 -27.69
C ALA B 128 -34.98 -14.21 -26.51
N ARG B 129 -33.89 -13.44 -26.53
CA ARG B 129 -33.54 -12.60 -25.39
C ARG B 129 -34.41 -11.36 -25.28
N ILE B 130 -35.06 -10.98 -26.38
CA ILE B 130 -35.91 -9.80 -26.41
C ILE B 130 -36.99 -9.94 -25.34
N GLY B 131 -37.25 -8.88 -24.60
CA GLY B 131 -38.20 -8.92 -23.48
C GLY B 131 -37.54 -9.14 -22.12
N GLU B 132 -36.30 -9.63 -22.10
CA GLU B 132 -35.59 -9.85 -20.85
C GLU B 132 -35.35 -8.53 -20.10
N ARG B 133 -35.40 -8.62 -18.77
CA ARG B 133 -35.05 -7.53 -17.86
C ARG B 133 -33.58 -7.70 -17.44
N VAL B 134 -32.74 -6.73 -17.78
CA VAL B 134 -31.30 -6.90 -17.53
C VAL B 134 -30.65 -5.80 -16.71
N VAL B 136 -27.08 -3.96 -16.47
CA VAL B 136 -25.86 -3.80 -17.24
C VAL B 136 -24.61 -3.88 -16.35
N ASP B 137 -23.63 -4.69 -16.76
CA ASP B 137 -22.27 -4.63 -16.24
C ASP B 137 -21.56 -3.55 -17.03
N PHE B 138 -21.22 -2.45 -16.38
CA PHE B 138 -20.66 -1.31 -17.09
C PHE B 138 -19.24 -1.53 -17.56
N SER B 139 -18.60 -2.58 -17.05
CA SER B 139 -17.17 -2.79 -17.31
C SER B 139 -16.83 -3.05 -18.76
N ILE B 140 -15.79 -2.39 -19.26
CA ILE B 140 -15.15 -2.80 -20.50
C ILE B 140 -13.79 -3.36 -20.07
N TYR B 141 -13.70 -4.69 -20.08
CA TYR B 141 -12.54 -5.39 -19.51
C TYR B 141 -11.28 -5.20 -20.33
N ASN B 142 -11.40 -5.40 -21.63
CA ASN B 142 -10.34 -5.08 -22.57
C ASN B 142 -9.22 -6.10 -22.52
N ARG B 143 -9.40 -7.10 -21.66
CA ARG B 143 -8.46 -8.22 -21.54
C ARG B 143 -9.23 -9.52 -21.36
N ASP B 144 -8.64 -10.64 -21.75
CA ASP B 144 -9.24 -11.98 -21.55
C ASP B 144 -9.04 -12.53 -20.12
N ASP B 145 -7.89 -12.21 -19.57
CA ASP B 145 -7.53 -12.52 -18.19
C ASP B 145 -8.08 -11.52 -17.18
N ASP B 146 -7.90 -11.82 -15.91
CA ASP B 146 -8.53 -11.06 -14.83
C ASP B 146 -7.72 -9.81 -14.37
N SER B 147 -6.80 -9.34 -15.20
CA SER B 147 -6.06 -8.11 -14.90
C SER B 147 -6.92 -6.88 -15.17
N LEU B 148 -6.84 -5.88 -14.28
CA LEU B 148 -7.63 -4.66 -14.44
C LEU B 148 -6.81 -3.51 -15.07
N ALA B 149 -5.65 -3.87 -15.61
CA ALA B 149 -4.70 -2.89 -16.13
C ALA B 149 -5.20 -2.05 -17.30
N ASP B 150 -6.16 -2.57 -18.07
CA ASP B 150 -6.65 -1.88 -19.28
C ASP B 150 -8.14 -1.59 -19.24
N ILE B 151 -8.73 -1.58 -18.05
CA ILE B 151 -10.18 -1.35 -17.93
C ILE B 151 -10.71 -0.02 -18.53
N ASP B 152 -11.96 -0.05 -18.95
CA ASP B 152 -12.74 1.14 -19.27
C ASP B 152 -14.16 0.88 -18.74
N TYR B 153 -15.07 1.84 -18.91
CA TYR B 153 -16.46 1.60 -18.60
C TYR B 153 -17.44 2.26 -19.56
N GLY B 155 -20.37 4.63 -20.38
CA GLY B 155 -20.63 5.93 -19.80
C GLY B 155 -19.35 6.74 -19.82
N HIS B 156 -18.27 6.10 -20.22
CA HIS B 156 -17.01 6.79 -20.47
C HIS B 156 -16.41 6.46 -21.83
N GLY B 157 -16.05 5.19 -22.05
CA GLY B 157 -15.47 4.76 -23.31
C GLY B 157 -16.48 4.67 -24.44
N ARG B 158 -17.75 4.67 -24.04
CA ARG B 158 -18.90 4.26 -24.82
C ARG B 158 -20.11 4.95 -24.21
N ASP B 159 -21.21 5.13 -24.94
CA ASP B 159 -22.43 5.74 -24.37
C ASP B 159 -23.08 4.93 -23.24
N GLY B 160 -23.59 5.64 -22.22
CA GLY B 160 -24.18 5.04 -21.01
C GLY B 160 -25.70 5.05 -20.97
N GLY B 161 -26.27 5.02 -19.76
CA GLY B 161 -27.71 4.86 -19.57
C GLY B 161 -28.53 6.12 -19.33
N TYR B 162 -27.92 7.28 -19.47
CA TYR B 162 -28.67 8.52 -19.37
C TYR B 162 -29.29 8.81 -20.72
N ALA B 163 -30.20 7.94 -21.09
CA ALA B 163 -30.84 7.95 -22.40
C ALA B 163 -32.00 6.97 -22.39
N GLU B 164 -32.84 7.06 -23.42
CA GLU B 164 -34.00 6.18 -23.51
C GLU B 164 -33.60 4.76 -23.90
N TYR B 165 -32.46 4.65 -24.60
CA TYR B 165 -31.94 3.39 -25.15
C TYR B 165 -30.41 3.30 -25.08
N ALA B 167 -27.04 0.55 -26.36
CA ALA B 167 -26.44 -0.66 -26.92
C ALA B 167 -25.25 -1.12 -26.07
N LEU B 168 -25.06 -2.44 -25.97
CA LEU B 168 -23.99 -3.01 -25.15
C LEU B 168 -23.75 -4.44 -25.57
N PRO B 169 -22.56 -4.98 -25.24
CA PRO B 169 -22.32 -6.40 -25.55
C PRO B 169 -23.30 -7.28 -24.78
N ALA B 170 -23.73 -8.36 -25.43
CA ALA B 170 -24.74 -9.26 -24.87
C ALA B 170 -24.38 -9.86 -23.52
N GLU B 171 -23.12 -10.25 -23.34
CA GLU B 171 -22.72 -10.89 -22.08
C GLU B 171 -22.69 -9.95 -20.88
N ASN B 172 -22.63 -8.64 -21.15
CA ASN B 172 -22.72 -7.63 -20.09
C ASN B 172 -24.15 -7.30 -19.72
N ALA B 173 -25.09 -7.99 -20.38
CA ALA B 173 -26.50 -7.82 -20.11
C ALA B 173 -26.95 -9.02 -19.30
N HIS B 174 -27.12 -8.82 -17.99
CA HIS B 174 -27.37 -9.92 -17.06
C HIS B 174 -28.82 -9.99 -16.64
N VAL B 175 -29.41 -11.16 -16.80
CA VAL B 175 -30.70 -11.45 -16.21
C VAL B 175 -30.45 -11.91 -14.77
N VAL B 176 -30.72 -11.02 -13.83
CA VAL B 176 -30.61 -11.33 -12.41
C VAL B 176 -31.89 -12.01 -11.86
N ALA B 177 -31.70 -13.06 -11.08
CA ALA B 177 -32.81 -13.80 -10.45
C ALA B 177 -33.29 -13.14 -9.14
N THR B 178 -34.01 -12.02 -9.28
CA THR B 178 -34.45 -11.23 -8.14
C THR B 178 -35.78 -10.57 -8.43
N ASP B 179 -36.61 -10.41 -7.41
CA ASP B 179 -37.90 -9.73 -7.54
C ASP B 179 -37.79 -8.20 -7.38
N LEU B 180 -36.57 -7.72 -7.21
CA LEU B 180 -36.26 -6.29 -7.11
C LEU B 180 -36.77 -5.47 -8.28
N THR B 181 -37.26 -4.28 -7.96
CA THR B 181 -37.68 -3.25 -8.93
C THR B 181 -36.54 -2.84 -9.86
N ASP B 182 -36.87 -2.36 -11.06
CA ASP B 182 -35.86 -1.79 -11.98
C ASP B 182 -35.02 -0.69 -11.32
N ILE B 183 -35.69 0.25 -10.66
CA ILE B 183 -35.02 1.31 -9.90
C ILE B 183 -34.11 0.70 -8.82
N GLU B 184 -34.61 -0.30 -8.10
CA GLU B 184 -33.82 -0.92 -7.05
C GLU B 184 -32.55 -1.56 -7.62
N LEU B 185 -32.65 -2.14 -8.80
CA LEU B 185 -31.54 -2.88 -9.37
C LEU B 185 -30.48 -1.96 -9.95
N ALA B 186 -30.86 -0.72 -10.20
CA ALA B 186 -29.95 0.28 -10.77
C ALA B 186 -29.08 0.93 -9.68
N THR B 187 -29.14 0.34 -8.50
CA THR B 187 -28.43 0.76 -7.31
C THR B 187 -27.01 0.18 -7.24
N PHE B 188 -26.81 -0.97 -7.88
CA PHE B 188 -25.66 -1.82 -7.54
C PHE B 188 -24.36 -1.70 -8.32
N CYS B 189 -24.36 -1.75 -9.64
CA CYS B 189 -23.16 -2.18 -10.33
C CYS B 189 -21.83 -1.41 -10.20
N CYS B 190 -21.79 -0.09 -10.35
CA CYS B 190 -20.55 0.62 -10.17
C CYS B 190 -20.06 0.67 -8.74
N ALA B 191 -20.88 1.17 -7.82
CA ALA B 191 -20.42 1.34 -6.45
C ALA B 191 -20.17 0.03 -5.71
N TYR B 192 -20.95 -1.00 -6.00
CA TYR B 192 -20.82 -2.27 -5.29
C TYR B 192 -19.71 -3.13 -5.87
N LEU B 193 -19.45 -3.02 -7.16
CA LEU B 193 -18.29 -3.68 -7.74
C LEU B 193 -17.01 -3.05 -7.16
N THR B 194 -16.96 -1.73 -7.14
CA THR B 194 -15.81 -1.02 -6.57
C THR B 194 -15.56 -1.44 -5.13
N GLY B 195 -16.63 -1.47 -4.35
CA GLY B 195 -16.54 -1.83 -2.95
C GLY B 195 -16.05 -3.24 -2.75
N GLU B 196 -16.54 -4.16 -3.59
CA GLU B 196 -16.12 -5.55 -3.48
C GLU B 196 -14.64 -5.68 -3.71
N ARG B 197 -14.12 -5.02 -4.72
CA ARG B 197 -12.71 -5.05 -5.06
C ARG B 197 -11.85 -4.50 -3.94
N LEU B 199 -12.50 -4.61 -0.82
CA LEU B 199 -12.44 -5.61 0.25
C LEU B 199 -11.58 -6.80 -0.15
N GLU B 200 -11.68 -7.18 -1.42
CA GLU B 200 -10.89 -8.25 -2.01
C GLU B 200 -9.40 -7.89 -1.94
N ARG B 201 -9.07 -6.64 -2.28
CA ARG B 201 -7.68 -6.18 -2.29
C ARG B 201 -7.16 -6.01 -0.88
N ALA B 202 -8.02 -5.69 0.06
CA ALA B 202 -7.62 -5.62 1.47
C ALA B 202 -7.70 -6.97 2.16
N ARG B 203 -8.22 -7.98 1.47
CA ARG B 203 -8.27 -9.35 2.00
C ARG B 203 -9.10 -9.43 3.28
N LEU B 204 -10.14 -8.59 3.39
CA LEU B 204 -11.00 -8.56 4.57
C LEU B 204 -11.67 -9.90 4.86
N ALA B 205 -11.34 -10.47 6.02
CA ALA B 205 -11.84 -11.79 6.44
C ALA B 205 -12.95 -11.69 7.49
N ALA B 206 -13.79 -12.73 7.54
CA ALA B 206 -14.79 -12.85 8.60
C ALA B 206 -14.14 -12.62 9.97
N GLY B 207 -14.84 -11.88 10.83
CA GLY B 207 -14.36 -11.58 12.18
C GLY B 207 -13.59 -10.27 12.28
N GLU B 208 -12.98 -9.83 11.17
CA GLU B 208 -12.17 -8.62 11.18
C GLU B 208 -13.03 -7.35 11.20
N THR B 209 -12.44 -6.26 11.67
CA THR B 209 -13.16 -5.00 11.79
C THR B 209 -12.74 -4.03 10.70
N VAL B 210 -13.71 -3.47 9.98
CA VAL B 210 -13.41 -2.45 8.96
C VAL B 210 -13.98 -1.09 9.35
N LEU B 211 -13.16 -0.05 9.25
CA LEU B 211 -13.65 1.32 9.41
C LEU B 211 -13.91 1.93 8.03
N VAL B 212 -15.17 2.27 7.78
CA VAL B 212 -15.59 2.77 6.49
C VAL B 212 -15.87 4.27 6.61
N THR B 213 -15.10 5.09 5.90
CA THR B 213 -15.43 6.51 5.84
C THR B 213 -16.31 6.88 4.63
N GLY B 214 -16.82 8.11 4.63
CA GLY B 214 -17.82 8.53 3.66
C GLY B 214 -18.89 7.48 3.58
N ALA B 215 -19.41 7.09 4.74
CA ALA B 215 -20.21 5.87 4.86
C ALA B 215 -21.63 5.98 4.31
N SER B 216 -22.13 7.21 4.19
CA SER B 216 -23.49 7.39 3.74
C SER B 216 -23.56 7.47 2.23
N GLY B 217 -22.41 7.67 1.57
CA GLY B 217 -22.35 7.74 0.10
C GLY B 217 -22.40 6.36 -0.55
N GLY B 218 -22.29 6.32 -1.88
CA GLY B 218 -22.49 5.09 -2.64
C GLY B 218 -21.58 3.95 -2.22
N VAL B 219 -20.28 4.11 -2.46
CA VAL B 219 -19.31 3.07 -2.13
C VAL B 219 -19.28 2.83 -0.61
N GLY B 220 -19.41 3.90 0.15
CA GLY B 220 -19.45 3.78 1.59
C GLY B 220 -20.47 2.76 2.03
N SER B 221 -21.73 3.03 1.70
CA SER B 221 -22.86 2.17 2.07
C SER B 221 -22.64 0.78 1.55
N ALA B 222 -22.11 0.69 0.33
CA ALA B 222 -21.90 -0.61 -0.32
C ALA B 222 -20.98 -1.45 0.54
N ILE B 223 -19.88 -0.85 0.98
CA ILE B 223 -18.91 -1.55 1.80
C ILE B 223 -19.50 -2.02 3.11
N ILE B 224 -20.34 -1.22 3.74
CA ILE B 224 -20.99 -1.68 4.97
C ILE B 224 -21.75 -2.96 4.72
N GLN B 225 -22.61 -2.96 3.70
CA GLN B 225 -23.35 -4.16 3.33
C GLN B 225 -22.41 -5.31 2.96
N LEU B 226 -21.44 -5.03 2.08
CA LEU B 226 -20.52 -6.07 1.61
C LEU B 226 -19.65 -6.67 2.72
N ALA B 227 -19.24 -5.86 3.70
CA ALA B 227 -18.48 -6.40 4.82
C ALA B 227 -19.29 -7.42 5.60
N ARG B 228 -20.59 -7.15 5.76
CA ARG B 228 -21.48 -8.08 6.45
C ARG B 228 -21.72 -9.34 5.63
N ALA B 229 -21.82 -9.15 4.32
CA ALA B 229 -22.05 -10.27 3.41
C ALA B 229 -20.95 -11.33 3.54
N ARG B 230 -19.87 -10.95 4.17
CA ARG B 230 -18.64 -11.70 4.16
C ARG B 230 -18.18 -12.02 5.59
N GLY B 231 -18.99 -11.64 6.57
CA GLY B 231 -18.74 -11.97 7.96
C GLY B 231 -17.90 -10.97 8.72
N ALA B 232 -17.56 -9.86 8.08
CA ALA B 232 -16.75 -8.83 8.75
C ALA B 232 -17.62 -7.86 9.56
N VAL B 233 -16.97 -7.03 10.36
CA VAL B 233 -17.68 -6.11 11.24
C VAL B 233 -17.37 -4.67 10.82
N PRO B 234 -18.35 -3.99 10.19
CA PRO B 234 -18.15 -2.63 9.74
C PRO B 234 -18.51 -1.55 10.78
N ILE B 235 -17.63 -0.55 10.93
CA ILE B 235 -17.88 0.64 11.75
C ILE B 235 -17.91 1.85 10.82
N ALA B 236 -19.03 2.56 10.83
CA ALA B 236 -19.27 3.65 9.89
C ALA B 236 -18.80 5.00 10.41
N VAL B 237 -18.11 5.76 9.56
CA VAL B 237 -17.86 7.17 9.84
C VAL B 237 -18.75 7.99 8.91
N ALA B 238 -19.70 8.72 9.49
CA ALA B 238 -20.66 9.44 8.66
C ALA B 238 -21.00 10.84 9.14
N GLY B 239 -21.73 11.57 8.29
CA GLY B 239 -22.18 12.93 8.59
C GLY B 239 -23.05 13.06 9.83
N PRO B 240 -23.22 14.32 10.31
CA PRO B 240 -24.12 14.52 11.46
C PRO B 240 -25.57 14.05 11.20
N GLY B 241 -26.18 13.45 12.23
CA GLY B 241 -27.53 12.87 12.17
C GLY B 241 -27.78 11.75 11.15
N LYS B 242 -26.75 10.95 10.85
CA LYS B 242 -26.91 9.83 9.95
C LYS B 242 -26.66 8.51 10.67
N GLU B 243 -26.47 8.60 12.00
CA GLU B 243 -26.21 7.43 12.83
C GLU B 243 -27.25 6.30 12.57
N ALA B 244 -28.53 6.66 12.59
CA ALA B 244 -29.62 5.69 12.53
C ALA B 244 -29.66 4.97 11.20
N ALA B 245 -29.55 5.72 10.11
CA ALA B 245 -29.47 5.11 8.78
C ALA B 245 -28.29 4.14 8.63
N LEU B 247 -26.82 2.31 11.07
CA LEU B 247 -27.17 1.11 11.81
C LEU B 247 -28.09 0.22 11.02
N ASP B 248 -29.04 0.85 10.32
CA ASP B 248 -30.10 0.16 9.60
C ASP B 248 -29.58 -0.63 8.43
N ILE B 249 -28.41 -0.26 7.93
CA ILE B 249 -27.83 -0.94 6.78
C ILE B 249 -26.73 -1.88 7.21
N GLY B 250 -26.58 -2.04 8.51
CA GLY B 250 -25.70 -3.06 9.04
C GLY B 250 -24.47 -2.62 9.81
N ALA B 251 -24.27 -1.31 10.00
CA ALA B 251 -23.10 -0.89 10.76
C ALA B 251 -23.20 -1.34 12.22
N GLN B 252 -22.09 -1.85 12.77
CA GLN B 252 -22.01 -2.25 14.17
C GLN B 252 -22.11 -1.01 15.04
N ALA B 253 -21.25 -0.05 14.77
CA ALA B 253 -21.22 1.22 15.48
C ALA B 253 -21.09 2.33 14.45
N VAL B 254 -21.44 3.55 14.84
CA VAL B 254 -21.34 4.71 13.98
C VAL B 254 -20.56 5.78 14.71
N VAL B 255 -19.67 6.44 14.01
CA VAL B 255 -18.90 7.55 14.53
C VAL B 255 -19.35 8.77 13.74
N THR B 256 -19.65 9.87 14.44
CA THR B 256 -20.09 11.07 13.75
C THR B 256 -18.93 12.03 13.52
N ARG B 257 -18.74 12.41 12.28
CA ARG B 257 -17.48 12.95 11.79
C ARG B 257 -17.00 14.23 12.45
N GLY B 258 -17.90 15.13 12.82
CA GLY B 258 -17.44 16.46 13.22
C GLY B 258 -17.54 16.84 14.69
N GLN B 259 -17.29 15.89 15.59
CA GLN B 259 -17.42 16.15 17.01
C GLN B 259 -16.36 15.48 17.87
N GLY B 260 -15.11 15.90 17.74
CA GLY B 260 -14.07 15.36 18.60
C GLY B 260 -13.00 14.62 17.82
N ASP B 261 -12.01 14.13 18.55
CA ASP B 261 -10.90 13.41 17.95
C ASP B 261 -11.43 12.08 17.44
N LEU B 262 -11.14 11.79 16.19
CA LEU B 262 -11.61 10.58 15.53
C LEU B 262 -11.08 9.32 16.17
N ALA B 263 -9.80 9.29 16.48
CA ALA B 263 -9.20 8.10 17.06
C ALA B 263 -9.88 7.75 18.36
N GLU B 264 -10.16 8.77 19.17
CA GLU B 264 -10.89 8.61 20.42
C GLU B 264 -12.34 8.17 20.19
N ALA B 265 -12.98 8.75 19.19
CA ALA B 265 -14.38 8.42 18.89
C ALA B 265 -14.50 6.97 18.42
N VAL B 266 -13.60 6.56 17.55
CA VAL B 266 -13.57 5.20 17.05
C VAL B 266 -13.22 4.24 18.18
N GLU B 267 -12.29 4.66 19.01
CA GLU B 267 -11.91 3.91 20.19
C GLU B 267 -13.20 3.56 20.94
N ALA B 268 -13.95 4.58 21.32
CA ALA B 268 -15.20 4.39 22.06
C ALA B 268 -16.24 3.56 21.27
N ALA B 269 -16.35 3.84 19.97
CA ALA B 269 -17.33 3.19 19.08
C ALA B 269 -17.18 1.67 18.88
N SER B 270 -15.96 1.20 18.60
CA SER B 270 -15.65 -0.22 18.66
C SER B 270 -15.61 -0.65 20.13
N GLY B 271 -15.41 -1.93 20.37
CA GLY B 271 -15.29 -2.40 21.75
C GLY B 271 -13.95 -2.06 22.41
N GLY B 272 -13.22 -1.10 21.84
CA GLY B 272 -11.78 -0.95 22.10
C GLY B 272 -10.96 -1.86 21.17
N ARG B 273 -11.65 -2.70 20.41
CA ARG B 273 -10.98 -3.65 19.53
C ARG B 273 -10.31 -2.98 18.34
N PRO B 274 -9.23 -3.57 17.87
CA PRO B 274 -8.39 -2.94 16.84
C PRO B 274 -9.08 -2.86 15.47
N ILE B 275 -8.69 -1.85 14.67
CA ILE B 275 -9.16 -1.73 13.30
C ILE B 275 -8.19 -2.44 12.32
N ASP B 276 -8.70 -3.45 11.64
CA ASP B 276 -7.90 -4.28 10.73
C ASP B 276 -7.78 -3.65 9.35
N VAL B 277 -8.86 -3.01 8.92
CA VAL B 277 -8.93 -2.45 7.59
C VAL B 277 -9.63 -1.09 7.67
N VAL B 278 -9.15 -0.14 6.89
CA VAL B 278 -9.84 1.11 6.69
C VAL B 278 -10.26 1.21 5.23
N ALA B 279 -11.55 1.41 4.99
CA ALA B 279 -12.05 1.68 3.65
C ALA B 279 -12.30 3.17 3.57
N ASP B 280 -11.49 3.86 2.77
CA ASP B 280 -11.53 5.31 2.80
C ASP B 280 -11.99 5.88 1.47
N LEU B 281 -13.06 6.67 1.53
CA LEU B 281 -13.63 7.30 0.34
C LEU B 281 -13.62 8.80 0.48
N VAL B 282 -13.06 9.30 1.58
CA VAL B 282 -12.97 10.73 1.83
C VAL B 282 -11.58 11.30 1.60
N GLY B 283 -10.56 10.66 2.15
CA GLY B 283 -9.18 11.16 2.09
C GLY B 283 -9.01 12.53 2.70
N GLY B 284 -8.43 13.45 1.93
CA GLY B 284 -8.34 14.84 2.37
C GLY B 284 -7.86 14.94 3.80
N PRO B 285 -8.57 15.71 4.65
CA PRO B 285 -8.14 16.04 6.03
C PRO B 285 -8.17 14.86 7.01
N LEU B 286 -8.67 13.72 6.54
CA LEU B 286 -8.94 12.54 7.35
C LEU B 286 -7.82 11.50 7.18
N PHE B 287 -7.06 11.67 6.11
CA PHE B 287 -6.09 10.67 5.69
C PHE B 287 -5.10 10.33 6.80
N ASN B 288 -4.23 11.25 7.15
CA ASN B 288 -3.24 10.96 8.20
C ASN B 288 -3.88 10.31 9.44
N ASP B 289 -5.02 10.85 9.89
CA ASP B 289 -5.78 10.27 11.00
C ASP B 289 -6.13 8.82 10.76
N LEU B 290 -6.62 8.52 9.57
CA LEU B 290 -6.92 7.13 9.25
C LEU B 290 -5.70 6.24 9.45
N LEU B 291 -4.54 6.61 8.90
CA LEU B 291 -3.31 5.83 9.18
C LEU B 291 -2.97 5.68 10.67
N LYS B 292 -3.15 6.72 11.48
CA LYS B 292 -2.93 6.60 12.93
C LYS B 292 -3.79 5.51 13.60
N ILE B 293 -5.07 5.49 13.25
CA ILE B 293 -6.07 4.60 13.84
C ILE B 293 -5.84 3.15 13.49
N LEU B 294 -5.48 2.89 12.24
CA LEU B 294 -5.26 1.53 11.74
C LEU B 294 -4.24 0.74 12.58
N ARG B 295 -4.60 -0.49 12.96
CA ARG B 295 -3.69 -1.34 13.74
C ARG B 295 -2.38 -1.59 12.97
N PRO B 296 -1.27 -1.76 13.69
CA PRO B 296 -0.03 -2.10 12.99
C PRO B 296 -0.25 -3.35 12.18
N GLU B 297 0.25 -3.39 10.95
CA GLU B 297 0.00 -4.50 10.00
C GLU B 297 -1.39 -4.40 9.33
N GLY B 298 -2.08 -3.31 9.60
CA GLY B 298 -3.39 -3.04 9.00
C GLY B 298 -3.37 -2.77 7.51
N ARG B 299 -4.56 -2.78 6.92
CA ARG B 299 -4.68 -2.58 5.49
C ARG B 299 -5.58 -1.38 5.17
N TYR B 300 -5.04 -0.44 4.40
CA TYR B 300 -5.76 0.74 3.94
C TYR B 300 -6.14 0.56 2.48
N THR B 301 -7.38 0.86 2.14
CA THR B 301 -7.81 0.70 0.75
C THR B 301 -8.75 1.81 0.28
N THR B 302 -8.47 2.38 -0.88
CA THR B 302 -9.27 3.47 -1.40
C THR B 302 -9.62 3.30 -2.88
N ALA B 303 -10.76 3.90 -3.27
CA ALA B 303 -11.18 4.00 -4.68
C ALA B 303 -11.68 5.40 -5.05
N GLY B 304 -11.51 6.35 -4.13
CA GLY B 304 -11.92 7.72 -4.34
C GLY B 304 -11.67 8.51 -3.08
N ALA B 305 -11.39 9.80 -3.25
CA ALA B 305 -11.11 10.71 -2.13
C ALA B 305 -11.84 12.02 -2.35
N ILE B 306 -13.08 12.07 -1.91
CA ILE B 306 -13.95 13.20 -2.18
C ILE B 306 -13.53 14.52 -1.51
N ALA B 307 -12.80 14.44 -0.40
CA ALA B 307 -12.37 15.65 0.32
C ALA B 307 -10.95 16.09 -0.05
N GLY B 308 -10.30 15.36 -0.96
CA GLY B 308 -8.94 15.70 -1.38
C GLY B 308 -8.09 14.48 -1.72
N PRO B 309 -7.86 14.24 -3.01
CA PRO B 309 -7.10 13.07 -3.40
C PRO B 309 -5.60 13.22 -3.20
N VAL B 310 -5.12 14.45 -3.06
CA VAL B 310 -3.69 14.71 -2.89
C VAL B 310 -3.37 14.86 -1.39
N VAL B 311 -2.62 13.92 -0.84
CA VAL B 311 -2.41 13.89 0.60
C VAL B 311 -0.91 13.82 0.94
N GLN B 312 -0.55 14.31 2.13
CA GLN B 312 0.84 14.20 2.58
C GLN B 312 0.95 12.89 3.36
N LEU B 313 1.79 12.01 2.85
CA LEU B 313 1.99 10.71 3.46
C LEU B 313 3.38 10.67 4.10
N ASP B 314 3.41 10.32 5.39
CA ASP B 314 4.66 10.08 6.10
C ASP B 314 5.08 8.60 6.02
N LEU B 315 5.95 8.31 5.07
CA LEU B 315 6.44 6.95 4.87
C LEU B 315 6.86 6.28 6.18
N ARG B 316 7.34 7.08 7.13
CA ARG B 316 7.75 6.53 8.39
C ARG B 316 6.57 5.90 9.09
N THR B 317 5.40 6.54 9.00
CA THR B 317 4.23 5.98 9.64
C THR B 317 3.87 4.67 8.98
N TYR B 319 5.88 2.59 7.33
CA TYR B 319 6.84 1.50 7.52
C TYR B 319 7.02 1.07 8.97
N LEU B 320 6.95 2.01 9.90
CA LEU B 320 7.04 1.66 11.31
C LEU B 320 5.86 0.81 11.75
N LYS B 321 4.70 1.08 11.15
CA LYS B 321 3.46 0.38 11.44
C LYS B 321 3.22 -0.85 10.56
N GLN B 322 4.11 -1.10 9.59
CA GLN B 322 4.02 -2.30 8.73
C GLN B 322 2.72 -2.30 7.91
N LEU B 323 2.31 -1.13 7.43
CA LEU B 323 1.04 -0.95 6.75
C LEU B 323 1.02 -1.32 5.27
N GLU B 324 -0.17 -1.65 4.77
CA GLU B 324 -0.43 -1.70 3.32
C GLU B 324 -1.41 -0.62 2.92
N LEU B 325 -1.18 0.00 1.76
CA LEU B 325 -2.15 0.90 1.17
C LEU B 325 -2.46 0.33 -0.19
N HIS B 326 -3.74 0.27 -0.50
CA HIS B 326 -4.18 -0.24 -1.76
C HIS B 326 -5.05 0.78 -2.44
N GLY B 327 -4.74 1.08 -3.69
CA GLY B 327 -5.64 1.83 -4.52
C GLY B 327 -6.29 0.86 -5.49
N SER B 328 -7.58 1.05 -5.71
CA SER B 328 -8.36 0.14 -6.51
C SER B 328 -9.45 0.89 -7.29
N SER B 329 -9.77 0.44 -8.49
CA SER B 329 -10.96 0.94 -9.17
C SER B 329 -11.65 -0.10 -10.05
N GLN B 330 -12.98 -0.10 -9.98
CA GLN B 330 -13.80 -1.06 -10.68
C GLN B 330 -13.55 -2.41 -10.10
N GLY B 331 -13.73 -3.46 -10.87
CA GLY B 331 -13.52 -4.82 -10.36
C GLY B 331 -13.35 -5.84 -11.45
N SER B 332 -13.19 -7.11 -11.07
CA SER B 332 -13.02 -8.20 -12.03
C SER B 332 -14.35 -8.88 -12.34
N ARG B 333 -14.37 -9.66 -13.42
CA ARG B 333 -15.48 -10.54 -13.76
C ARG B 333 -15.95 -11.40 -12.58
N ALA B 334 -14.99 -12.01 -11.86
CA ALA B 334 -15.29 -12.82 -10.68
C ALA B 334 -15.94 -11.98 -9.59
N ASP B 335 -15.40 -10.78 -9.35
CA ASP B 335 -16.00 -9.86 -8.42
C ASP B 335 -17.44 -9.57 -8.83
N PHE B 336 -17.67 -9.40 -10.13
CA PHE B 336 -19.02 -9.08 -10.61
C PHE B 336 -19.97 -10.26 -10.40
N ARG B 337 -19.53 -11.48 -10.71
CA ARG B 337 -20.37 -12.65 -10.52
C ARG B 337 -20.82 -12.79 -9.08
N ARG B 338 -19.90 -12.55 -8.15
CA ARG B 338 -20.19 -12.60 -6.72
C ARG B 338 -21.27 -11.58 -6.34
N LEU B 339 -21.20 -10.40 -6.95
CA LEU B 339 -22.16 -9.34 -6.69
C LEU B 339 -23.56 -9.78 -7.11
N VAL B 340 -23.66 -10.33 -8.32
CA VAL B 340 -24.93 -10.86 -8.76
C VAL B 340 -25.41 -11.86 -7.71
N ARG B 341 -24.53 -12.77 -7.29
CA ARG B 341 -24.92 -13.78 -6.31
C ARG B 341 -25.42 -13.14 -5.03
N TYR B 342 -24.75 -12.08 -4.57
CA TYR B 342 -25.16 -11.40 -3.34
C TYR B 342 -26.58 -10.87 -3.47
N ILE B 343 -26.88 -10.31 -4.65
CA ILE B 343 -28.21 -9.75 -4.91
C ILE B 343 -29.31 -10.82 -4.95
N GLU B 344 -29.03 -11.92 -5.63
CA GLU B 344 -29.96 -13.03 -5.75
C GLU B 344 -30.25 -13.69 -4.40
N GLU B 345 -29.19 -13.94 -3.62
CA GLU B 345 -29.28 -14.54 -2.28
C GLU B 345 -29.79 -13.58 -1.19
N LYS B 346 -30.10 -12.34 -1.60
CA LYS B 346 -30.54 -11.25 -0.70
C LYS B 346 -29.61 -11.01 0.48
N LYS B 347 -28.31 -11.19 0.25
CA LYS B 347 -27.30 -10.88 1.26
C LYS B 347 -27.04 -9.39 1.35
N ILE B 348 -27.38 -8.66 0.29
CA ILE B 348 -27.36 -7.18 0.31
C ILE B 348 -28.67 -6.66 -0.26
N ARG B 349 -29.00 -5.41 0.04
CA ARG B 349 -30.26 -4.83 -0.41
C ARG B 349 -30.10 -3.42 -1.03
N PRO B 350 -31.05 -3.03 -1.89
CA PRO B 350 -31.00 -1.70 -2.54
C PRO B 350 -31.19 -0.55 -1.56
N LEU B 351 -30.43 0.52 -1.75
CA LEU B 351 -30.60 1.73 -0.94
C LEU B 351 -30.92 2.91 -1.85
N VAL B 352 -32.17 3.00 -2.26
CA VAL B 352 -32.66 4.10 -3.08
C VAL B 352 -32.81 5.35 -2.22
N GLY B 353 -32.05 6.38 -2.55
CA GLY B 353 -32.12 7.64 -1.82
C GLY B 353 -32.92 8.71 -2.53
N GLY B 354 -33.37 8.42 -3.73
CA GLY B 354 -34.07 9.41 -4.52
C GLY B 354 -34.09 8.99 -5.97
N VAL B 355 -35.21 9.30 -6.62
CA VAL B 355 -35.42 8.99 -8.03
C VAL B 355 -35.68 10.32 -8.73
N TYR B 356 -35.17 10.47 -9.94
CA TYR B 356 -35.32 11.70 -10.69
C TYR B 356 -35.57 11.37 -12.15
N PRO B 357 -36.41 12.17 -12.83
CA PRO B 357 -36.62 12.04 -14.27
C PRO B 357 -35.45 12.60 -15.09
N LEU B 358 -35.19 11.99 -16.24
CA LEU B 358 -34.09 12.37 -17.12
C LEU B 358 -34.19 13.85 -17.55
N SER B 359 -35.41 14.33 -17.78
CA SER B 359 -35.62 15.75 -18.11
C SER B 359 -35.16 16.75 -17.04
N GLU B 360 -34.94 16.28 -15.81
CA GLU B 360 -34.55 17.15 -14.70
C GLU B 360 -33.17 16.80 -14.14
N PHE B 361 -32.23 16.52 -15.04
CA PHE B 361 -30.90 16.06 -14.68
C PHE B 361 -30.09 17.05 -13.86
N HIS B 362 -30.16 18.33 -14.20
CA HIS B 362 -29.42 19.36 -13.47
C HIS B 362 -29.80 19.34 -11.99
N ARG B 363 -31.09 19.19 -11.71
CA ARG B 363 -31.59 19.05 -10.34
C ARG B 363 -31.03 17.78 -9.68
N ALA B 364 -31.08 16.68 -10.44
CA ALA B 364 -30.60 15.39 -9.96
C ALA B 364 -29.12 15.46 -9.55
N GLN B 365 -28.27 16.00 -10.41
CA GLN B 365 -26.85 16.07 -10.08
C GLN B 365 -26.54 17.11 -9.01
N THR B 366 -27.30 18.21 -8.97
CA THR B 366 -27.12 19.20 -7.92
C THR B 366 -27.32 18.51 -6.57
N ASP B 367 -28.36 17.68 -6.49
CA ASP B 367 -28.64 16.91 -5.29
C ASP B 367 -27.56 15.87 -5.06
N PHE B 368 -27.16 15.20 -6.15
CA PHE B 368 -26.12 14.20 -6.06
C PHE B 368 -24.82 14.75 -5.45
N ALA B 370 -24.39 17.35 -3.47
CA ALA B 370 -24.51 17.86 -2.10
C ALA B 370 -24.54 16.76 -1.02
N LYS B 371 -24.75 15.51 -1.43
CA LYS B 371 -24.75 14.34 -0.53
C LYS B 371 -25.75 14.36 0.65
N ASN B 372 -26.83 15.11 0.53
CA ASN B 372 -27.86 15.09 1.56
C ASN B 372 -28.87 14.00 1.30
N PHE B 373 -28.41 12.77 1.32
CA PHE B 373 -29.24 11.60 1.11
C PHE B 373 -28.42 10.40 1.57
N VAL B 374 -29.03 9.23 1.56
CA VAL B 374 -28.31 8.00 1.87
C VAL B 374 -28.52 6.96 0.75
N GLY B 375 -27.43 6.27 0.40
CA GLY B 375 -27.49 5.22 -0.60
C GLY B 375 -27.24 5.77 -1.99
N LYS B 376 -28.14 5.48 -2.92
CA LYS B 376 -27.91 5.75 -4.32
C LYS B 376 -29.02 6.60 -4.91
N LEU B 377 -28.68 7.41 -5.91
CA LEU B 377 -29.67 8.21 -6.67
C LEU B 377 -29.91 7.62 -8.06
N VAL B 378 -31.16 7.62 -8.49
CA VAL B 378 -31.53 6.88 -9.70
C VAL B 378 -32.23 7.78 -10.71
N VAL B 379 -31.75 7.76 -11.95
CA VAL B 379 -32.38 8.55 -13.04
C VAL B 379 -33.18 7.66 -14.00
N VAL B 380 -34.48 7.94 -14.08
CA VAL B 380 -35.41 7.21 -14.93
C VAL B 380 -35.78 8.08 -16.12
N PRO B 381 -35.62 7.56 -17.36
CA PRO B 381 -36.06 8.30 -18.56
C PRO B 381 -37.53 8.65 -18.50
N ASP B 382 -37.81 9.90 -18.87
CA ASP B 382 -39.15 10.53 -18.90
C ASP B 382 -39.33 11.58 -17.81
#